data_3IUC
#
_entry.id   3IUC
#
_cell.length_a   48.212
_cell.length_b   51.795
_cell.length_c   94.994
_cell.angle_alpha   98.85
_cell.angle_beta   94.88
_cell.angle_gamma   117.61
#
_symmetry.space_group_name_H-M   'P 1'
#
loop_
_entity.id
_entity.type
_entity.pdbx_description
1 polymer 'Heat shock 70kDa protein 5 (Glucose-regulated protein, 78kDa)'
2 non-polymer "ADENOSINE-5'-DIPHOSPHATE"
3 non-polymer 'CALCIUM ION'
4 water water
#
_entity_poly.entity_id   1
_entity_poly.type   'polypeptide(L)'
_entity_poly.pdbx_seq_one_letter_code
;MHHHHHHSSGVDLGTENLYFQSMDVGTVVGIDLGTTYSCVGVFKNGRVEIIANDQGNRITPSYVAFTPEGERLIGDAAKN
QLTSNPENTVFDAKRLIGRTWNDPSVQQDIKFLPFKVVEKKTKPYIQVDIGGGQTKTFAPEEISAMVLTKMKETAEAYLG
KKVTHAVVTVPAYFNDAQRQATKDAGTIAGLNVMRIINEPTAAAIAYGLDKREGEKNILVFDLGGGTFDVSLLTIDNGVF
EVVATNGDTHLGGEDFDQRVMEHFIKLYKKKTGKDVRKDNRAVQKLRREVEKAKRALSSQHQARIEIESFYEGEDFSETL
TRAKFEELNMDLFRSTMKPVQKVLEDSDLKKSDIDEIVLVGGSTRIPKIQQLVKEFFNGKEPSRGINPDEAVAYGAAVQA
GVLSGDQD
;
_entity_poly.pdbx_strand_id   A,C
#
loop_
_chem_comp.id
_chem_comp.type
_chem_comp.name
_chem_comp.formula
ADP non-polymer ADENOSINE-5'-DIPHOSPHATE 'C10 H15 N5 O10 P2'
CA non-polymer 'CALCIUM ION' 'Ca 2'
#
# COMPACT_ATOMS: atom_id res chain seq x y z
N GLY A 26 23.38 20.98 -41.32
CA GLY A 26 22.69 22.30 -41.50
C GLY A 26 22.46 22.99 -40.14
N THR A 27 21.19 23.32 -39.78
CA THR A 27 20.89 23.80 -38.42
C THR A 27 20.68 22.61 -37.51
N VAL A 28 21.59 22.41 -36.57
CA VAL A 28 21.53 21.27 -35.64
C VAL A 28 20.58 21.55 -34.46
N VAL A 29 19.63 20.64 -34.21
CA VAL A 29 18.76 20.74 -33.02
C VAL A 29 19.37 20.08 -31.79
N GLY A 30 19.01 20.61 -30.63
CA GLY A 30 19.32 19.99 -29.34
C GLY A 30 18.06 19.38 -28.76
N ILE A 31 18.12 18.08 -28.43
CA ILE A 31 16.96 17.35 -27.92
C ILE A 31 17.23 16.72 -26.57
N ASP A 32 16.36 17.03 -25.61
CA ASP A 32 16.26 16.34 -24.34
C ASP A 32 15.22 15.26 -24.55
N LEU A 33 15.66 14.02 -24.62
CA LEU A 33 14.76 12.93 -24.91
C LEU A 33 14.55 12.29 -23.55
N GLY A 34 13.55 12.79 -22.85
CA GLY A 34 13.34 12.45 -21.45
C GLY A 34 12.44 11.27 -21.25
N THR A 35 12.39 10.83 -20.01
CA THR A 35 11.60 9.68 -19.66
C THR A 35 10.11 9.92 -19.90
N THR A 36 9.60 11.01 -19.34
CA THR A 36 8.19 11.32 -19.46
C THR A 36 7.95 12.46 -20.48
N TYR A 37 8.88 13.41 -20.58
CA TYR A 37 8.77 14.53 -21.55
C TYR A 37 10.04 14.71 -22.39
N SER A 38 9.90 15.25 -23.59
CA SER A 38 11.04 15.65 -24.42
C SER A 38 10.92 17.07 -24.80
N CYS A 39 12.05 17.65 -25.20
CA CYS A 39 12.14 19.09 -25.47
C CYS A 39 13.16 19.36 -26.58
N VAL A 40 12.83 20.24 -27.53
CA VAL A 40 13.71 20.53 -28.64
C VAL A 40 14.00 21.99 -28.67
N GLY A 41 15.28 22.32 -28.94
CA GLY A 41 15.75 23.69 -28.98
C GLY A 41 16.71 23.90 -30.11
N VAL A 42 16.94 25.15 -30.45
CA VAL A 42 17.86 25.49 -31.51
C VAL A 42 18.59 26.78 -31.17
N PHE A 43 19.78 26.96 -31.71
CA PHE A 43 20.55 28.18 -31.52
C PHE A 43 20.51 28.96 -32.85
N LYS A 44 19.78 30.06 -32.87
CA LYS A 44 19.54 30.85 -34.08
C LYS A 44 19.53 32.36 -33.69
N ASN A 45 20.38 33.13 -34.39
CA ASN A 45 20.63 34.55 -34.10
C ASN A 45 20.98 34.81 -32.63
N GLY A 46 22.07 34.22 -32.18
CA GLY A 46 22.67 34.54 -30.88
C GLY A 46 22.06 33.97 -29.61
N ARG A 47 21.02 33.16 -29.71
CA ARG A 47 20.40 32.64 -28.48
C ARG A 47 19.73 31.32 -28.67
N VAL A 48 19.38 30.70 -27.55
CA VAL A 48 18.73 29.39 -27.52
C VAL A 48 17.26 29.70 -27.56
N GLU A 49 16.59 29.05 -28.52
CA GLU A 49 15.14 29.05 -28.65
C GLU A 49 14.62 27.62 -28.40
N ILE A 50 13.85 27.47 -27.34
CA ILE A 50 13.15 26.22 -27.04
C ILE A 50 11.86 26.27 -27.86
N ILE A 51 11.66 25.31 -28.76
CA ILE A 51 10.57 25.37 -29.76
C ILE A 51 9.23 24.74 -29.29
N ALA A 52 8.18 25.56 -29.30
CA ALA A 52 6.84 25.08 -29.02
C ALA A 52 6.34 24.11 -30.12
N ASN A 53 5.65 23.05 -29.69
CA ASN A 53 5.04 22.06 -30.60
C ASN A 53 3.77 22.58 -31.25
N ASP A 54 3.22 21.84 -32.20
CA ASP A 54 2.06 22.34 -32.96
C ASP A 54 0.79 22.42 -32.13
N GLN A 55 0.85 22.02 -30.86
CA GLN A 55 -0.27 22.19 -29.94
C GLN A 55 -0.02 23.29 -28.91
N GLY A 56 1.11 24.01 -29.03
CA GLY A 56 1.42 25.16 -28.17
C GLY A 56 2.31 24.90 -26.96
N ASN A 57 2.92 23.72 -26.83
CA ASN A 57 3.72 23.47 -25.64
C ASN A 57 5.20 23.31 -25.91
N ARG A 58 5.99 23.85 -24.99
CA ARG A 58 7.43 23.84 -25.07
C ARG A 58 8.09 22.49 -24.69
N ILE A 59 7.37 21.64 -23.95
CA ILE A 59 7.80 20.26 -23.76
C ILE A 59 6.72 19.37 -24.31
N THR A 60 7.09 18.17 -24.78
CA THR A 60 6.17 17.23 -25.43
C THR A 60 6.29 15.88 -24.73
N PRO A 61 5.14 15.25 -24.39
CA PRO A 61 5.10 13.92 -23.77
C PRO A 61 5.78 12.85 -24.58
N SER A 62 6.51 11.96 -23.91
CA SER A 62 7.31 10.96 -24.59
C SER A 62 6.48 9.69 -24.63
N TYR A 63 5.32 9.86 -25.28
CA TYR A 63 4.27 8.88 -25.40
C TYR A 63 3.96 8.61 -26.90
N VAL A 64 3.63 7.36 -27.21
CA VAL A 64 3.11 6.98 -28.51
C VAL A 64 1.89 6.07 -28.34
N ALA A 65 0.79 6.35 -29.03
CA ALA A 65 -0.38 5.50 -28.97
C ALA A 65 -0.74 4.93 -30.34
N PHE A 66 -1.23 3.70 -30.34
CA PHE A 66 -1.74 3.04 -31.53
C PHE A 66 -3.23 2.94 -31.35
N THR A 67 -4.00 3.64 -32.17
CA THR A 67 -5.45 3.55 -32.05
C THR A 67 -5.98 2.32 -32.77
N PRO A 68 -7.14 1.80 -32.34
CA PRO A 68 -7.81 0.77 -33.10
C PRO A 68 -7.92 1.12 -34.57
N GLU A 69 -8.31 2.34 -34.91
CA GLU A 69 -8.54 2.69 -36.30
C GLU A 69 -7.23 2.86 -37.13
N GLY A 70 -6.11 2.33 -36.65
CA GLY A 70 -4.86 2.36 -37.42
C GLY A 70 -4.10 3.67 -37.41
N GLU A 71 -4.43 4.54 -36.48
CA GLU A 71 -3.84 5.87 -36.41
C GLU A 71 -2.77 5.83 -35.33
N ARG A 72 -1.60 6.38 -35.65
CA ARG A 72 -0.46 6.46 -34.74
C ARG A 72 -0.31 7.89 -34.17
N LEU A 73 -0.48 8.04 -32.87
CA LEU A 73 -0.48 9.33 -32.20
C LEU A 73 0.83 9.51 -31.43
N ILE A 74 1.43 10.69 -31.51
CA ILE A 74 2.60 10.98 -30.68
C ILE A 74 2.37 12.21 -29.78
N GLY A 75 2.92 12.19 -28.57
CA GLY A 75 2.84 13.33 -27.65
C GLY A 75 1.56 13.46 -26.83
N ASP A 76 1.13 14.70 -26.65
CA ASP A 76 -0.14 15.01 -26.00
C ASP A 76 -1.34 14.16 -26.43
N ALA A 77 -1.50 13.98 -27.74
CA ALA A 77 -2.58 13.14 -28.26
C ALA A 77 -2.46 11.69 -27.78
N ALA A 78 -1.23 11.18 -27.74
CA ALA A 78 -0.98 9.86 -27.19
C ALA A 78 -1.38 9.81 -25.71
N LYS A 79 -1.01 10.83 -24.95
CA LYS A 79 -1.23 10.86 -23.49
C LYS A 79 -2.69 11.06 -23.04
N ASN A 80 -3.47 11.89 -23.75
CA ASN A 80 -4.90 12.10 -23.41
C ASN A 80 -5.79 10.89 -23.75
N GLN A 81 -5.17 9.88 -24.34
CA GLN A 81 -5.87 8.77 -24.89
C GLN A 81 -5.36 7.51 -24.14
N LEU A 82 -4.73 7.73 -23.00
CA LEU A 82 -4.07 6.70 -22.20
C LEU A 82 -5.02 5.86 -21.39
N THR A 83 -6.07 6.47 -20.83
CA THR A 83 -6.97 5.72 -19.95
C THR A 83 -7.84 4.78 -20.78
N SER A 84 -8.28 5.28 -21.93
CA SER A 84 -9.16 4.56 -22.81
C SER A 84 -8.43 3.51 -23.62
N ASN A 85 -7.09 3.50 -23.57
CA ASN A 85 -6.26 2.66 -24.46
C ASN A 85 -5.03 2.17 -23.71
N PRO A 86 -5.23 1.59 -22.53
CA PRO A 86 -4.06 1.27 -21.71
C PRO A 86 -3.02 0.39 -22.41
N GLU A 87 -3.45 -0.62 -23.15
CA GLU A 87 -2.53 -1.63 -23.65
C GLU A 87 -1.68 -1.17 -24.85
N ASN A 88 -2.18 -0.17 -25.60
CA ASN A 88 -1.51 0.27 -26.82
C ASN A 88 -1.10 1.75 -26.77
N THR A 89 -1.04 2.30 -25.57
CA THR A 89 -0.45 3.58 -25.32
C THR A 89 0.92 3.25 -24.73
N VAL A 90 1.97 3.62 -25.43
CA VAL A 90 3.31 3.25 -24.99
C VAL A 90 4.01 4.49 -24.42
N PHE A 91 4.72 4.26 -23.31
CA PHE A 91 5.53 5.27 -22.64
C PHE A 91 6.77 4.63 -21.93
N ASP A 92 7.66 5.48 -21.36
CA ASP A 92 8.83 4.96 -20.58
C ASP A 92 9.77 4.08 -21.43
N ALA A 93 9.84 4.33 -22.73
CA ALA A 93 10.71 3.57 -23.60
C ALA A 93 12.16 3.73 -23.13
N LYS A 94 12.49 4.89 -22.57
CA LYS A 94 13.85 5.20 -22.08
C LYS A 94 14.33 4.25 -20.99
N ARG A 95 13.37 3.71 -20.25
CA ARG A 95 13.64 2.74 -19.22
C ARG A 95 14.18 1.43 -19.80
N LEU A 96 13.78 1.09 -21.04
CA LEU A 96 14.22 -0.16 -21.70
C LEU A 96 15.36 0.02 -22.71
N ILE A 97 15.59 1.25 -23.14
CA ILE A 97 16.33 1.45 -24.36
C ILE A 97 17.72 0.93 -24.16
N GLY A 98 18.14 0.03 -25.04
CA GLY A 98 19.53 -0.42 -25.14
C GLY A 98 19.94 -1.44 -24.11
N ARG A 99 18.97 -2.04 -23.43
CA ARG A 99 19.19 -3.00 -22.38
C ARG A 99 18.82 -4.36 -22.89
N THR A 100 19.39 -5.40 -22.27
CA THR A 100 19.06 -6.80 -22.53
C THR A 100 17.88 -7.23 -21.62
N TRP A 101 17.22 -8.33 -22.00
CA TRP A 101 16.12 -8.89 -21.22
C TRP A 101 16.56 -9.19 -19.80
N ASN A 102 17.77 -9.70 -19.67
CA ASN A 102 18.28 -10.15 -18.39
C ASN A 102 18.61 -9.07 -17.38
N ASP A 103 18.69 -7.81 -17.83
CA ASP A 103 18.94 -6.69 -16.95
C ASP A 103 17.93 -6.74 -15.82
N PRO A 104 18.40 -6.82 -14.58
CA PRO A 104 17.45 -6.77 -13.45
C PRO A 104 16.48 -5.57 -13.54
N SER A 105 16.96 -4.44 -14.01
CA SER A 105 16.12 -3.26 -14.19
C SER A 105 14.92 -3.48 -15.14
N VAL A 106 15.17 -4.19 -16.26
CA VAL A 106 14.12 -4.54 -17.21
C VAL A 106 13.15 -5.52 -16.54
N GLN A 107 13.68 -6.49 -15.82
CA GLN A 107 12.87 -7.54 -15.20
C GLN A 107 11.87 -6.94 -14.23
N GLN A 108 12.26 -5.90 -13.49
CA GLN A 108 11.30 -5.20 -12.62
C GLN A 108 10.38 -4.32 -13.42
N ASP A 109 10.92 -3.48 -14.31
CA ASP A 109 10.06 -2.48 -15.00
C ASP A 109 8.89 -3.14 -15.72
N ILE A 110 9.22 -4.18 -16.49
CA ILE A 110 8.26 -5.04 -17.19
C ILE A 110 6.95 -5.28 -16.41
N LYS A 111 7.07 -5.57 -15.10
CA LYS A 111 5.89 -5.90 -14.29
C LYS A 111 4.97 -4.71 -14.09
N PHE A 112 5.42 -3.51 -14.36
CA PHE A 112 4.57 -2.34 -14.08
C PHE A 112 4.10 -1.59 -15.31
N LEU A 113 4.54 -2.00 -16.50
CA LEU A 113 4.14 -1.31 -17.72
C LEU A 113 2.87 -1.96 -18.18
N PRO A 114 1.87 -1.15 -18.56
CA PRO A 114 0.56 -1.68 -18.94
C PRO A 114 0.47 -2.23 -20.34
N PHE A 115 1.54 -2.06 -21.13
CA PHE A 115 1.64 -2.61 -22.46
C PHE A 115 2.56 -3.84 -22.48
N LYS A 116 2.40 -4.69 -23.48
CA LYS A 116 3.15 -5.94 -23.52
C LYS A 116 4.61 -5.67 -23.91
N VAL A 117 5.53 -6.25 -23.13
CA VAL A 117 6.93 -6.31 -23.50
C VAL A 117 7.32 -7.78 -23.57
N VAL A 118 7.80 -8.23 -24.71
CA VAL A 118 8.13 -9.63 -24.93
C VAL A 118 9.63 -9.71 -25.25
N GLU A 119 10.26 -10.85 -24.89
CA GLU A 119 11.66 -11.08 -25.20
C GLU A 119 11.79 -11.58 -26.63
N LYS A 120 12.75 -11.01 -27.36
CA LYS A 120 13.03 -11.39 -28.73
C LYS A 120 14.54 -11.16 -28.94
N LYS A 121 15.26 -12.12 -29.49
CA LYS A 121 16.73 -11.99 -29.58
C LYS A 121 17.34 -11.43 -28.27
N THR A 122 16.87 -11.94 -27.13
CA THR A 122 17.22 -11.52 -25.74
C THR A 122 17.26 -10.00 -25.47
N LYS A 123 16.28 -9.32 -26.02
CA LYS A 123 16.12 -7.88 -25.85
C LYS A 123 14.62 -7.63 -25.60
N PRO A 124 14.31 -6.59 -24.83
CA PRO A 124 12.91 -6.23 -24.70
C PRO A 124 12.36 -5.66 -26.02
N TYR A 125 11.18 -6.12 -26.41
CA TYR A 125 10.44 -5.57 -27.55
C TYR A 125 9.07 -5.25 -27.03
N ILE A 126 8.45 -4.25 -27.60
CA ILE A 126 7.15 -3.78 -27.13
C ILE A 126 6.15 -4.25 -28.17
N GLN A 127 5.04 -4.85 -27.76
CA GLN A 127 4.07 -5.39 -28.70
C GLN A 127 2.76 -4.73 -28.51
N VAL A 128 2.19 -4.23 -29.61
CA VAL A 128 0.96 -3.45 -29.58
C VAL A 128 0.01 -3.94 -30.67
N ASP A 129 -1.28 -3.67 -30.52
CA ASP A 129 -2.25 -3.89 -31.60
C ASP A 129 -2.26 -2.67 -32.47
N ILE A 130 -2.25 -2.85 -33.78
CA ILE A 130 -2.39 -1.68 -34.64
C ILE A 130 -3.67 -1.58 -35.45
N GLY A 131 -4.68 -2.38 -35.13
CA GLY A 131 -5.92 -2.37 -35.89
C GLY A 131 -5.83 -3.23 -37.14
N GLY A 132 -7.00 -3.66 -37.62
CA GLY A 132 -7.06 -4.55 -38.80
C GLY A 132 -6.52 -5.93 -38.48
N GLY A 133 -6.67 -6.32 -37.21
CA GLY A 133 -6.18 -7.59 -36.70
C GLY A 133 -4.67 -7.67 -36.49
N GLN A 134 -3.93 -6.58 -36.69
CA GLN A 134 -2.46 -6.70 -36.72
C GLN A 134 -1.75 -6.33 -35.42
N THR A 135 -0.69 -7.09 -35.17
CA THR A 135 0.20 -6.85 -34.06
C THR A 135 1.51 -6.37 -34.67
N LYS A 136 2.27 -5.56 -33.94
CA LYS A 136 3.64 -5.22 -34.33
C LYS A 136 4.47 -5.31 -33.07
N THR A 137 5.77 -5.58 -33.23
CA THR A 137 6.68 -5.44 -32.12
C THR A 137 7.65 -4.33 -32.50
N PHE A 138 7.95 -3.46 -31.54
CA PHE A 138 8.94 -2.41 -31.75
C PHE A 138 10.08 -2.51 -30.73
N ALA A 139 11.30 -2.25 -31.17
CA ALA A 139 12.41 -2.09 -30.25
C ALA A 139 12.15 -0.82 -29.48
N PRO A 140 12.60 -0.77 -28.22
CA PRO A 140 12.40 0.46 -27.48
C PRO A 140 12.88 1.66 -28.29
N GLU A 141 14.02 1.51 -28.95
CA GLU A 141 14.54 2.61 -29.75
C GLU A 141 13.69 2.97 -30.95
N GLU A 142 12.86 2.05 -31.47
CA GLU A 142 11.90 2.43 -32.52
C GLU A 142 10.85 3.38 -31.96
N ILE A 143 10.43 3.11 -30.72
CA ILE A 143 9.43 3.93 -30.03
C ILE A 143 10.04 5.32 -29.76
N SER A 144 11.24 5.35 -29.17
CA SER A 144 12.01 6.61 -29.05
C SER A 144 12.21 7.29 -30.37
N ALA A 145 12.46 6.52 -31.44
CA ALA A 145 12.53 7.09 -32.76
C ALA A 145 11.29 7.94 -33.08
N MET A 146 10.10 7.42 -32.78
CA MET A 146 8.87 8.11 -33.12
C MET A 146 8.72 9.38 -32.33
N VAL A 147 9.19 9.35 -31.08
CA VAL A 147 9.24 10.58 -30.28
C VAL A 147 10.17 11.55 -31.01
N LEU A 148 11.36 11.09 -31.43
CA LEU A 148 12.31 12.01 -32.10
C LEU A 148 11.73 12.60 -33.40
N THR A 149 10.91 11.80 -34.11
CA THR A 149 10.24 12.29 -35.31
C THR A 149 9.28 13.46 -34.96
N LYS A 150 8.51 13.35 -33.88
CA LYS A 150 7.73 14.49 -33.41
C LYS A 150 8.60 15.73 -33.15
N MET A 151 9.73 15.55 -32.46
CA MET A 151 10.59 16.69 -32.11
C MET A 151 11.11 17.29 -33.41
N LYS A 152 11.63 16.44 -34.28
CA LYS A 152 12.08 16.85 -35.61
C LYS A 152 11.07 17.73 -36.32
N GLU A 153 9.84 17.25 -36.41
CA GLU A 153 8.80 17.96 -37.15
C GLU A 153 8.45 19.28 -36.48
N THR A 154 8.48 19.33 -35.16
CA THR A 154 8.20 20.60 -34.49
C THR A 154 9.34 21.61 -34.70
N ALA A 155 10.57 21.12 -34.86
CA ALA A 155 11.70 21.96 -35.16
C ALA A 155 11.58 22.54 -36.58
N GLU A 156 11.27 21.67 -37.53
CA GLU A 156 11.23 22.04 -38.95
C GLU A 156 10.12 23.05 -39.23
N ALA A 157 8.97 22.84 -38.59
CA ALA A 157 7.87 23.78 -38.70
C ALA A 157 8.32 25.20 -38.29
N TYR A 158 9.03 25.30 -37.18
CA TYR A 158 9.51 26.57 -36.68
C TYR A 158 10.58 27.18 -37.58
N LEU A 159 11.58 26.38 -37.90
CA LEU A 159 12.67 26.80 -38.75
C LEU A 159 12.31 26.99 -40.20
N GLY A 160 11.12 26.55 -40.60
CA GLY A 160 10.73 26.59 -42.01
C GLY A 160 11.57 25.73 -42.94
N LYS A 161 12.39 24.82 -42.42
CA LYS A 161 13.27 24.03 -43.29
C LYS A 161 13.56 22.64 -42.72
N LYS A 162 14.17 21.77 -43.53
CA LYS A 162 14.39 20.41 -43.10
C LYS A 162 15.52 20.33 -42.07
N VAL A 163 15.38 19.37 -41.16
CA VAL A 163 16.38 19.13 -40.09
C VAL A 163 16.89 17.69 -40.20
N THR A 164 18.21 17.55 -40.32
CA THR A 164 18.88 16.25 -40.47
C THR A 164 19.91 15.91 -39.37
N HIS A 165 20.32 16.88 -38.55
CA HIS A 165 21.37 16.62 -37.57
C HIS A 165 20.90 17.10 -36.21
N ALA A 166 21.34 16.42 -35.15
CA ALA A 166 20.84 16.71 -33.80
C ALA A 166 21.83 16.33 -32.72
N VAL A 167 21.79 17.05 -31.60
CA VAL A 167 22.50 16.64 -30.37
C VAL A 167 21.46 16.14 -29.39
N VAL A 168 21.56 14.89 -28.96
CA VAL A 168 20.56 14.27 -28.10
C VAL A 168 21.22 13.94 -26.78
N THR A 169 20.57 14.22 -25.67
CA THR A 169 21.16 13.96 -24.38
C THR A 169 20.69 12.64 -23.80
N VAL A 170 21.47 12.11 -22.87
CA VAL A 170 21.11 10.87 -22.19
C VAL A 170 21.64 10.88 -20.76
N PRO A 171 21.09 10.00 -19.91
CA PRO A 171 21.51 10.02 -18.56
C PRO A 171 22.98 9.67 -18.46
N ALA A 172 23.65 10.25 -17.48
CA ALA A 172 25.08 10.06 -17.30
C ALA A 172 25.49 8.59 -17.10
N TYR A 173 24.58 7.74 -16.59
CA TYR A 173 24.92 6.33 -16.22
C TYR A 173 24.66 5.39 -17.39
N PHE A 174 24.34 5.97 -18.55
CA PHE A 174 24.05 5.20 -19.76
C PHE A 174 25.36 4.64 -20.25
N ASN A 175 25.37 3.34 -20.52
CA ASN A 175 26.54 2.64 -21.07
C ASN A 175 26.48 2.69 -22.60
N ASP A 176 27.39 1.97 -23.27
CA ASP A 176 27.56 2.13 -24.72
C ASP A 176 26.34 1.69 -25.49
N ALA A 177 25.78 0.54 -25.11
CA ALA A 177 24.62 -0.03 -25.79
C ALA A 177 23.41 0.90 -25.68
N GLN A 178 23.25 1.57 -24.54
CA GLN A 178 22.18 2.58 -24.36
C GLN A 178 22.43 3.85 -25.20
N ARG A 179 23.68 4.31 -25.25
CA ARG A 179 24.06 5.44 -26.09
C ARG A 179 23.89 5.10 -27.55
N GLN A 180 24.42 3.94 -27.96
CA GLN A 180 24.32 3.51 -29.36
C GLN A 180 22.83 3.40 -29.74
N ALA A 181 22.01 2.85 -28.85
CA ALA A 181 20.60 2.68 -29.12
C ALA A 181 19.91 4.04 -29.22
N THR A 182 20.33 5.02 -28.39
CA THR A 182 19.81 6.38 -28.58
C THR A 182 20.22 6.98 -29.95
N LYS A 183 21.45 6.71 -30.39
CA LYS A 183 21.90 7.11 -31.71
C LYS A 183 21.07 6.39 -32.77
N ASP A 184 20.80 5.10 -32.59
CA ASP A 184 19.99 4.33 -33.56
C ASP A 184 18.61 4.96 -33.68
N ALA A 185 18.01 5.33 -32.55
CA ALA A 185 16.72 6.04 -32.58
C ALA A 185 16.80 7.23 -33.54
N GLY A 186 17.80 8.08 -33.38
CA GLY A 186 17.97 9.20 -34.29
C GLY A 186 17.90 8.73 -35.73
N THR A 187 18.76 7.77 -36.08
CA THR A 187 18.78 7.22 -37.43
C THR A 187 17.39 6.74 -37.90
N ILE A 188 16.71 5.90 -37.11
CA ILE A 188 15.33 5.50 -37.47
C ILE A 188 14.45 6.72 -37.78
N ALA A 189 14.58 7.77 -36.95
CA ALA A 189 13.86 9.03 -37.14
C ALA A 189 14.38 9.91 -38.29
N GLY A 190 15.41 9.49 -39.01
CA GLY A 190 16.03 10.36 -40.00
C GLY A 190 16.87 11.55 -39.48
N LEU A 191 17.39 11.42 -38.27
CA LEU A 191 18.36 12.38 -37.75
C LEU A 191 19.71 11.72 -37.67
N ASN A 192 20.76 12.46 -38.04
CA ASN A 192 22.11 12.07 -37.70
C ASN A 192 22.41 12.65 -36.30
N VAL A 193 22.41 11.81 -35.26
CA VAL A 193 22.80 12.28 -33.92
C VAL A 193 24.32 12.45 -33.84
N MET A 194 24.80 13.63 -34.24
CA MET A 194 26.25 13.93 -34.25
C MET A 194 26.90 13.66 -32.91
N ARG A 195 26.28 14.16 -31.84
CA ARG A 195 26.83 13.95 -30.51
C ARG A 195 25.78 13.51 -29.51
N ILE A 196 26.16 12.57 -28.64
CA ILE A 196 25.39 12.25 -27.43
C ILE A 196 26.07 12.99 -26.27
N ILE A 197 25.31 13.76 -25.52
CA ILE A 197 25.82 14.48 -24.33
C ILE A 197 25.06 14.04 -23.05
N ASN A 198 25.82 13.79 -21.98
CA ASN A 198 25.29 13.55 -20.65
C ASN A 198 24.40 14.70 -20.21
N GLU A 199 23.22 14.37 -19.71
CA GLU A 199 22.24 15.34 -19.24
C GLU A 199 22.76 16.38 -18.18
N PRO A 200 23.54 15.94 -17.16
CA PRO A 200 24.10 16.91 -16.18
C PRO A 200 25.14 17.91 -16.78
N THR A 201 25.92 17.42 -17.75
CA THR A 201 26.81 18.28 -18.51
C THR A 201 26.01 19.30 -19.30
N ALA A 202 24.95 18.86 -19.96
CA ALA A 202 24.06 19.79 -20.70
C ALA A 202 23.44 20.83 -19.79
N ALA A 203 22.94 20.40 -18.65
CA ALA A 203 22.40 21.33 -17.66
C ALA A 203 23.51 22.29 -17.18
N ALA A 204 24.70 21.75 -16.96
CA ALA A 204 25.89 22.55 -16.67
C ALA A 204 26.15 23.59 -17.75
N ILE A 205 26.12 23.20 -19.02
CA ILE A 205 26.34 24.15 -20.10
C ILE A 205 25.23 25.17 -20.15
N ALA A 206 24.01 24.79 -19.79
CA ALA A 206 22.89 25.72 -19.87
C ALA A 206 23.17 26.92 -18.99
N TYR A 207 23.70 26.68 -17.80
CA TYR A 207 24.02 27.72 -16.81
C TYR A 207 25.37 28.45 -17.00
N GLY A 208 25.93 28.39 -18.19
CA GLY A 208 27.21 29.05 -18.48
C GLY A 208 28.43 28.51 -17.73
N LEU A 209 28.43 27.23 -17.35
CA LEU A 209 29.60 26.64 -16.67
C LEU A 209 30.63 26.08 -17.66
N ASP A 210 30.32 26.17 -18.96
CA ASP A 210 31.30 26.06 -20.04
C ASP A 210 32.27 27.28 -20.13
N LYS A 211 31.87 28.41 -19.56
CA LYS A 211 32.74 29.58 -19.42
C LYS A 211 34.02 29.19 -18.72
N ARG A 212 35.14 29.71 -19.22
CA ARG A 212 36.48 29.25 -18.84
C ARG A 212 36.97 29.98 -17.61
N GLU A 213 36.86 29.35 -16.44
CA GLU A 213 37.03 30.07 -15.18
C GLU A 213 37.48 29.16 -14.05
N GLY A 214 38.46 28.31 -14.33
CA GLY A 214 39.12 27.51 -13.32
C GLY A 214 38.36 26.24 -13.01
N GLU A 215 38.79 25.57 -11.96
CA GLU A 215 38.15 24.35 -11.54
C GLU A 215 36.92 24.59 -10.64
N LYS A 216 35.81 23.95 -10.99
CA LYS A 216 34.57 24.03 -10.25
C LYS A 216 34.01 22.64 -9.96
N ASN A 217 33.46 22.45 -8.76
CA ASN A 217 32.70 21.23 -8.44
C ASN A 217 31.21 21.56 -8.38
N ILE A 218 30.47 20.91 -9.25
CA ILE A 218 29.06 21.19 -9.51
C ILE A 218 28.22 19.97 -9.13
N LEU A 219 27.20 20.19 -8.32
CA LEU A 219 26.18 19.18 -8.03
C LEU A 219 24.90 19.47 -8.84
N VAL A 220 24.56 18.56 -9.75
CA VAL A 220 23.34 18.64 -10.52
C VAL A 220 22.31 17.69 -9.87
N PHE A 221 21.16 18.26 -9.52
CA PHE A 221 20.09 17.57 -8.77
C PHE A 221 18.94 17.54 -9.76
N ASP A 222 18.73 16.41 -10.43
CA ASP A 222 17.74 16.32 -11.56
C ASP A 222 16.53 15.48 -11.14
N LEU A 223 15.37 16.11 -11.06
CA LEU A 223 14.17 15.47 -10.56
C LEU A 223 13.03 15.72 -11.53
N GLY A 224 12.71 14.69 -12.31
CA GLY A 224 11.66 14.71 -13.31
C GLY A 224 10.40 14.06 -12.77
N GLY A 225 9.68 13.41 -13.68
CA GLY A 225 8.39 12.79 -13.43
C GLY A 225 8.44 11.41 -12.81
N GLY A 226 9.44 10.63 -13.17
CA GLY A 226 9.59 9.28 -12.61
C GLY A 226 11.00 8.88 -12.18
N THR A 227 11.97 9.79 -12.28
CA THR A 227 13.35 9.47 -11.97
C THR A 227 14.05 10.59 -11.21
N PHE A 228 14.97 10.21 -10.33
CA PHE A 228 15.83 11.16 -9.63
C PHE A 228 17.30 10.87 -9.88
N ASP A 229 18.02 11.79 -10.53
CA ASP A 229 19.49 11.66 -10.79
C ASP A 229 20.26 12.77 -10.11
N VAL A 230 21.27 12.41 -9.30
CA VAL A 230 22.21 13.35 -8.73
C VAL A 230 23.60 13.07 -9.29
N SER A 231 24.29 14.12 -9.67
CA SER A 231 25.56 14.01 -10.39
C SER A 231 26.51 15.02 -9.81
N LEU A 232 27.71 14.59 -9.42
CA LEU A 232 28.76 15.57 -9.11
C LEU A 232 29.71 15.66 -10.32
N LEU A 233 29.86 16.86 -10.89
CA LEU A 233 30.67 17.09 -12.09
C LEU A 233 31.80 17.99 -11.68
N THR A 234 33.02 17.72 -12.12
CA THR A 234 34.09 18.74 -11.98
C THR A 234 34.42 19.25 -13.34
N ILE A 235 34.50 20.58 -13.41
CA ILE A 235 34.66 21.37 -14.60
C ILE A 235 35.91 22.22 -14.52
N ASP A 236 36.60 22.34 -15.62
CA ASP A 236 37.90 22.91 -15.64
C ASP A 236 38.16 23.36 -17.01
N ASN A 237 37.72 24.54 -17.39
CA ASN A 237 38.07 25.14 -18.67
C ASN A 237 37.67 24.36 -19.88
N GLY A 238 36.45 23.90 -19.83
CA GLY A 238 35.82 23.19 -20.90
C GLY A 238 36.07 21.71 -20.79
N VAL A 239 36.78 21.31 -19.75
CA VAL A 239 37.01 19.92 -19.48
C VAL A 239 36.04 19.51 -18.40
N PHE A 240 35.05 18.72 -18.80
CA PHE A 240 34.02 18.19 -17.90
C PHE A 240 34.31 16.75 -17.53
N GLU A 241 34.20 16.46 -16.25
CA GLU A 241 34.26 15.11 -15.73
C GLU A 241 33.05 14.80 -14.78
N VAL A 242 32.32 13.73 -15.10
CA VAL A 242 31.30 13.24 -14.19
C VAL A 242 32.02 12.38 -13.15
N VAL A 243 32.19 12.88 -11.94
CA VAL A 243 32.99 12.19 -10.95
C VAL A 243 32.21 11.03 -10.34
N ALA A 244 30.99 11.33 -9.88
CA ALA A 244 30.11 10.34 -9.27
C ALA A 244 28.64 10.63 -9.62
N THR A 245 27.85 9.57 -9.65
CA THR A 245 26.46 9.68 -9.98
C THR A 245 25.66 8.82 -9.01
N ASN A 246 24.41 9.19 -8.80
CA ASN A 246 23.57 8.41 -7.92
C ASN A 246 22.13 8.84 -8.08
N GLY A 247 21.25 8.29 -7.25
CA GLY A 247 19.86 8.65 -7.31
C GLY A 247 18.94 7.54 -6.93
N ASP A 248 17.68 7.74 -7.29
CA ASP A 248 16.61 6.76 -7.14
C ASP A 248 15.96 6.60 -8.53
N THR A 249 16.15 5.43 -9.12
CA THR A 249 15.80 5.21 -10.50
C THR A 249 14.32 5.37 -10.76
N HIS A 250 13.48 5.13 -9.73
CA HIS A 250 12.00 5.22 -9.87
C HIS A 250 11.28 6.22 -8.95
N LEU A 251 11.98 7.26 -8.50
CA LEU A 251 11.36 8.28 -7.68
C LEU A 251 11.23 9.52 -8.50
N GLY A 252 10.02 10.04 -8.58
CA GLY A 252 9.76 11.26 -9.36
C GLY A 252 8.45 11.95 -9.05
N GLY A 253 8.11 12.97 -9.85
CA GLY A 253 6.87 13.75 -9.68
C GLY A 253 5.59 12.93 -9.57
N GLU A 254 5.53 11.81 -10.30
CA GLU A 254 4.44 10.85 -10.30
C GLU A 254 4.18 10.30 -8.89
N ASP A 255 5.25 10.09 -8.13
CA ASP A 255 5.13 9.53 -6.77
C ASP A 255 4.49 10.52 -5.81
N PHE A 256 4.86 11.78 -5.97
CA PHE A 256 4.23 12.85 -5.19
C PHE A 256 2.72 12.94 -5.56
N ASP A 257 2.36 12.78 -6.84
CA ASP A 257 0.92 12.73 -7.18
C ASP A 257 0.24 11.55 -6.45
N GLN A 258 0.96 10.43 -6.34
CA GLN A 258 0.40 9.19 -5.82
C GLN A 258 0.09 9.23 -4.33
N ARG A 259 0.99 9.79 -3.53
CA ARG A 259 0.71 10.07 -2.11
C ARG A 259 -0.55 10.85 -1.96
N VAL A 260 -0.74 11.87 -2.79
CA VAL A 260 -1.91 12.71 -2.68
C VAL A 260 -3.16 11.96 -3.15
N MET A 261 -3.03 11.12 -4.18
CA MET A 261 -4.16 10.32 -4.68
C MET A 261 -4.71 9.42 -3.59
N GLU A 262 -3.81 8.69 -2.94
CA GLU A 262 -4.14 7.84 -1.81
C GLU A 262 -4.84 8.59 -0.71
N HIS A 263 -4.29 9.75 -0.37
CA HIS A 263 -4.93 10.55 0.67
C HIS A 263 -6.39 10.82 0.31
N PHE A 264 -6.65 11.22 -0.94
CA PHE A 264 -7.98 11.68 -1.29
C PHE A 264 -8.97 10.57 -1.54
N ILE A 265 -8.49 9.46 -2.09
CA ILE A 265 -9.35 8.31 -2.34
C ILE A 265 -9.90 7.83 -1.00
N LYS A 266 -9.05 7.67 0.02
CA LYS A 266 -9.56 7.21 1.33
C LYS A 266 -10.37 8.28 2.09
N LEU A 267 -10.07 9.55 1.88
CA LEU A 267 -10.91 10.64 2.36
C LEU A 267 -12.30 10.63 1.67
N TYR A 268 -12.36 10.25 0.42
CA TYR A 268 -13.62 10.25 -0.28
C TYR A 268 -14.54 9.17 0.32
N LYS A 269 -14.00 7.97 0.47
CA LYS A 269 -14.67 6.86 1.14
C LYS A 269 -15.21 7.36 2.49
N LYS A 270 -14.35 7.88 3.33
CA LYS A 270 -14.74 8.36 4.64
C LYS A 270 -15.96 9.30 4.65
N LYS A 271 -16.09 10.20 3.68
CA LYS A 271 -17.14 11.23 3.73
C LYS A 271 -18.44 10.74 3.05
N THR A 272 -18.29 10.15 1.88
CA THR A 272 -19.43 9.81 1.04
C THR A 272 -19.80 8.33 1.14
N GLY A 273 -18.97 7.53 1.80
CA GLY A 273 -19.11 6.08 1.82
C GLY A 273 -18.63 5.38 0.55
N LYS A 274 -18.25 6.16 -0.46
CA LYS A 274 -17.91 5.61 -1.77
C LYS A 274 -16.40 5.32 -1.93
N ASP A 275 -16.07 4.12 -2.41
CA ASP A 275 -14.71 3.77 -2.83
C ASP A 275 -14.58 3.75 -4.36
N VAL A 276 -13.64 4.54 -4.87
CA VAL A 276 -13.49 4.83 -6.31
C VAL A 276 -12.34 4.08 -7.01
N ARG A 277 -11.57 3.29 -6.26
CA ARG A 277 -10.33 2.64 -6.79
C ARG A 277 -10.50 1.77 -8.03
N LYS A 278 -11.59 1.02 -8.11
CA LYS A 278 -11.81 0.18 -9.29
C LYS A 278 -12.39 0.96 -10.47
N ASP A 279 -12.72 2.24 -10.30
CA ASP A 279 -13.25 3.05 -11.40
C ASP A 279 -12.12 3.87 -12.02
N ASN A 280 -11.58 3.34 -13.11
CA ASN A 280 -10.43 3.94 -13.77
C ASN A 280 -10.72 5.35 -14.27
N ARG A 281 -11.97 5.62 -14.67
CA ARG A 281 -12.41 6.97 -15.06
C ARG A 281 -12.42 7.97 -13.91
N ALA A 282 -12.90 7.59 -12.75
CA ALA A 282 -12.86 8.49 -11.62
C ALA A 282 -11.41 8.71 -11.24
N VAL A 283 -10.68 7.62 -11.03
CA VAL A 283 -9.29 7.69 -10.60
C VAL A 283 -8.47 8.63 -11.46
N GLN A 284 -8.57 8.55 -12.78
CA GLN A 284 -7.69 9.34 -13.64
C GLN A 284 -8.11 10.80 -13.78
N LYS A 285 -9.39 11.08 -13.55
CA LYS A 285 -9.84 12.47 -13.44
C LYS A 285 -9.25 13.03 -12.16
N LEU A 286 -9.06 12.18 -11.17
CA LEU A 286 -8.58 12.64 -9.90
C LEU A 286 -7.09 12.96 -10.08
N ARG A 287 -6.37 12.01 -10.66
CA ARG A 287 -4.95 12.13 -10.96
C ARG A 287 -4.67 13.43 -11.74
N ARG A 288 -5.47 13.66 -12.77
CA ARG A 288 -5.38 14.86 -13.58
C ARG A 288 -5.52 16.14 -12.77
N GLU A 289 -6.48 16.19 -11.86
CA GLU A 289 -6.62 17.37 -11.01
C GLU A 289 -5.57 17.43 -9.91
N VAL A 290 -5.11 16.28 -9.44
CA VAL A 290 -4.06 16.29 -8.44
C VAL A 290 -2.78 16.86 -9.05
N GLU A 291 -2.47 16.40 -10.26
CA GLU A 291 -1.36 16.93 -11.04
C GLU A 291 -1.48 18.45 -11.20
N LYS A 292 -2.61 18.97 -11.68
CA LYS A 292 -2.78 20.40 -11.75
C LYS A 292 -2.59 21.06 -10.35
N ALA A 293 -3.16 20.47 -9.30
CA ALA A 293 -3.06 21.05 -7.98
C ALA A 293 -1.58 21.16 -7.51
N LYS A 294 -0.83 20.08 -7.67
CA LYS A 294 0.59 20.03 -7.27
C LYS A 294 1.33 21.16 -7.96
N ARG A 295 1.13 21.29 -9.27
CA ARG A 295 1.86 22.28 -10.05
C ARG A 295 1.58 23.66 -9.43
N ALA A 296 0.32 23.95 -9.23
CA ALA A 296 -0.08 25.20 -8.67
C ALA A 296 0.53 25.42 -7.27
N LEU A 297 0.61 24.37 -6.43
CA LEU A 297 1.17 24.49 -5.09
C LEU A 297 2.67 24.75 -5.04
N SER A 298 3.31 24.79 -6.21
CA SER A 298 4.67 25.32 -6.32
C SER A 298 4.70 26.86 -6.32
N SER A 299 3.57 27.51 -6.51
CA SER A 299 3.57 28.98 -6.39
C SER A 299 2.34 29.57 -5.71
N GLN A 300 1.56 28.74 -5.01
CA GLN A 300 0.43 29.16 -4.16
C GLN A 300 0.39 28.24 -2.96
N HIS A 301 -0.32 28.63 -1.93
CA HIS A 301 -0.40 27.81 -0.74
C HIS A 301 -1.69 26.96 -0.68
N GLN A 302 -2.57 27.12 -1.66
CA GLN A 302 -3.73 26.23 -1.72
C GLN A 302 -4.24 26.09 -3.12
N ALA A 303 -4.82 24.94 -3.41
CA ALA A 303 -5.39 24.67 -4.71
C ALA A 303 -6.69 23.95 -4.48
N ARG A 304 -7.74 24.42 -5.15
CA ARG A 304 -9.05 23.78 -5.14
C ARG A 304 -9.08 22.61 -6.16
N ILE A 305 -9.26 21.36 -5.67
CA ILE A 305 -9.52 20.21 -6.55
C ILE A 305 -11.03 19.96 -6.65
N GLU A 306 -11.61 20.31 -7.81
CA GLU A 306 -13.03 20.16 -8.07
C GLU A 306 -13.22 19.33 -9.36
N ILE A 307 -14.10 18.32 -9.27
CA ILE A 307 -14.52 17.54 -10.40
C ILE A 307 -16.06 17.37 -10.33
N GLU A 308 -16.72 17.71 -11.44
CA GLU A 308 -18.18 17.51 -11.59
C GLU A 308 -18.46 16.10 -12.08
N SER A 309 -19.53 15.48 -11.54
CA SER A 309 -19.90 14.07 -11.82
C SER A 309 -18.72 13.11 -11.75
N PHE A 310 -18.14 13.08 -10.55
CA PHE A 310 -16.91 12.38 -10.31
C PHE A 310 -17.18 10.88 -10.24
N TYR A 311 -18.21 10.50 -9.52
CA TYR A 311 -18.48 9.09 -9.30
C TYR A 311 -19.96 8.88 -9.07
N GLU A 312 -20.58 8.08 -9.92
CA GLU A 312 -22.05 7.82 -9.85
C GLU A 312 -22.88 9.06 -9.62
N GLY A 313 -22.55 10.13 -10.32
CA GLY A 313 -23.34 11.33 -10.26
C GLY A 313 -22.92 12.33 -9.21
N GLU A 314 -22.14 11.88 -8.23
CA GLU A 314 -21.69 12.76 -7.16
C GLU A 314 -20.41 13.54 -7.48
N ASP A 315 -20.36 14.78 -7.00
CA ASP A 315 -19.21 15.64 -7.18
C ASP A 315 -18.09 15.42 -6.18
N PHE A 316 -16.93 15.99 -6.50
CA PHE A 316 -15.76 15.95 -5.62
C PHE A 316 -15.24 17.36 -5.46
N SER A 317 -15.06 17.78 -4.23
CA SER A 317 -14.50 19.09 -3.93
C SER A 317 -13.69 19.08 -2.64
N GLU A 318 -12.43 19.46 -2.74
CA GLU A 318 -11.55 19.57 -1.60
C GLU A 318 -10.47 20.58 -1.95
N THR A 319 -9.96 21.27 -0.94
CA THR A 319 -8.81 22.11 -1.14
C THR A 319 -7.59 21.37 -0.57
N LEU A 320 -6.48 21.37 -1.31
CA LEU A 320 -5.19 20.87 -0.85
C LEU A 320 -4.32 22.04 -0.50
N THR A 321 -3.80 22.02 0.72
CA THR A 321 -2.86 23.06 1.14
C THR A 321 -1.43 22.69 0.75
N ARG A 322 -0.53 23.66 0.67
CA ARG A 322 0.90 23.29 0.55
C ARG A 322 1.29 22.49 1.78
N ALA A 323 0.89 22.92 2.97
CA ALA A 323 1.25 22.18 4.20
C ALA A 323 0.91 20.69 4.07
N LYS A 324 -0.33 20.40 3.66
CA LYS A 324 -0.80 19.00 3.50
C LYS A 324 -0.04 18.23 2.36
N PHE A 325 0.27 18.92 1.30
CA PHE A 325 1.09 18.34 0.24
C PHE A 325 2.52 17.95 0.71
N GLU A 326 3.14 18.79 1.49
CA GLU A 326 4.48 18.51 2.01
C GLU A 326 4.37 17.42 3.08
N GLU A 327 3.29 17.46 3.86
CA GLU A 327 3.08 16.48 4.91
C GLU A 327 2.93 15.10 4.31
N LEU A 328 2.12 14.97 3.28
CA LEU A 328 1.90 13.66 2.66
C LEU A 328 3.12 13.13 1.91
N ASN A 329 4.07 14.00 1.54
CA ASN A 329 5.29 13.59 0.85
C ASN A 329 6.58 13.72 1.70
N MET A 330 6.41 13.94 3.01
CA MET A 330 7.52 14.29 3.91
C MET A 330 8.78 13.48 3.66
N ASP A 331 8.61 12.16 3.66
CA ASP A 331 9.77 11.27 3.68
C ASP A 331 10.33 11.02 2.31
N LEU A 332 9.48 11.04 1.30
CA LEU A 332 9.95 10.97 -0.05
C LEU A 332 10.85 12.20 -0.29
N PHE A 333 10.43 13.37 0.15
CA PHE A 333 11.20 14.57 -0.04
C PHE A 333 12.55 14.49 0.70
N ARG A 334 12.53 14.14 1.98
CA ARG A 334 13.79 13.98 2.74
C ARG A 334 14.74 12.94 2.13
N SER A 335 14.20 11.88 1.57
CA SER A 335 15.05 10.81 1.09
C SER A 335 15.81 11.17 -0.18
N THR A 336 15.53 12.35 -0.73
CA THR A 336 16.29 12.85 -1.85
C THR A 336 17.66 13.33 -1.38
N MET A 337 17.81 13.59 -0.09
CA MET A 337 19.10 14.00 0.43
C MET A 337 20.11 12.85 0.46
N LYS A 338 19.68 11.61 0.47
CA LYS A 338 20.66 10.53 0.68
C LYS A 338 21.61 10.40 -0.52
N PRO A 339 21.05 10.43 -1.74
CA PRO A 339 21.92 10.30 -2.88
C PRO A 339 22.90 11.46 -3.03
N VAL A 340 22.52 12.63 -2.53
CA VAL A 340 23.39 13.80 -2.50
C VAL A 340 24.59 13.54 -1.59
N GLN A 341 24.35 13.23 -0.32
CA GLN A 341 25.43 12.86 0.61
C GLN A 341 26.31 11.78 -0.01
N LYS A 342 25.67 10.81 -0.65
CA LYS A 342 26.37 9.68 -1.19
C LYS A 342 27.31 10.10 -2.35
N VAL A 343 26.91 11.03 -3.20
CA VAL A 343 27.82 11.44 -4.28
C VAL A 343 28.98 12.28 -3.76
N LEU A 344 28.82 12.95 -2.62
CA LEU A 344 29.95 13.68 -2.00
C LEU A 344 30.94 12.70 -1.32
N GLU A 345 30.42 11.68 -0.66
CA GLU A 345 31.30 10.62 -0.16
C GLU A 345 32.17 10.05 -1.28
N ASP A 346 31.51 9.58 -2.34
CA ASP A 346 32.16 8.84 -3.44
C ASP A 346 33.12 9.65 -4.31
N SER A 347 33.02 10.98 -4.27
CA SER A 347 33.97 11.78 -4.99
C SER A 347 34.95 12.41 -4.02
N ASP A 348 34.90 11.99 -2.77
CA ASP A 348 35.82 12.49 -1.73
C ASP A 348 35.77 14.02 -1.65
N LEU A 349 34.57 14.53 -1.48
CA LEU A 349 34.34 15.97 -1.26
C LEU A 349 33.40 16.18 -0.08
N LYS A 350 33.37 17.42 0.37
CA LYS A 350 32.47 17.80 1.40
C LYS A 350 31.53 18.86 0.86
N LYS A 351 30.43 19.11 1.55
CA LYS A 351 29.47 20.07 1.03
C LYS A 351 30.11 21.43 0.78
N SER A 352 31.05 21.84 1.61
CA SER A 352 31.78 23.10 1.41
C SER A 352 32.59 23.17 0.08
N ASP A 353 32.92 22.00 -0.46
CA ASP A 353 33.60 21.88 -1.74
C ASP A 353 32.74 22.13 -2.97
N ILE A 354 31.42 22.26 -2.80
CA ILE A 354 30.49 22.36 -3.95
C ILE A 354 30.24 23.82 -4.32
N ASP A 355 30.63 24.21 -5.55
CA ASP A 355 30.61 25.63 -5.96
C ASP A 355 29.30 26.08 -6.62
N GLU A 356 28.59 25.13 -7.23
CA GLU A 356 27.27 25.42 -7.80
C GLU A 356 26.38 24.24 -7.52
N ILE A 357 25.15 24.54 -7.16
CA ILE A 357 24.09 23.57 -7.06
C ILE A 357 23.13 23.87 -8.23
N VAL A 358 22.93 22.92 -9.14
CA VAL A 358 22.07 23.12 -10.32
C VAL A 358 20.85 22.23 -10.18
N LEU A 359 19.67 22.82 -10.15
CA LEU A 359 18.43 22.09 -9.91
C LEU A 359 17.66 22.07 -11.22
N VAL A 360 17.47 20.89 -11.79
CA VAL A 360 16.76 20.79 -13.06
C VAL A 360 15.77 19.65 -13.03
N GLY A 361 14.86 19.64 -13.98
CA GLY A 361 13.73 18.71 -13.90
C GLY A 361 12.52 19.36 -13.28
N GLY A 362 11.37 19.24 -13.94
CA GLY A 362 10.12 19.87 -13.51
C GLY A 362 9.84 19.84 -12.04
N SER A 363 10.14 18.72 -11.38
CA SER A 363 9.81 18.57 -9.95
C SER A 363 10.71 19.40 -9.02
N THR A 364 11.76 20.01 -9.55
CA THR A 364 12.59 20.83 -8.72
C THR A 364 11.91 22.20 -8.50
N ARG A 365 10.75 22.42 -9.12
CA ARG A 365 9.98 23.61 -8.85
C ARG A 365 9.34 23.59 -7.49
N ILE A 366 9.38 22.43 -6.79
CA ILE A 366 8.71 22.31 -5.51
C ILE A 366 9.50 22.99 -4.40
N PRO A 367 8.87 24.01 -3.78
CA PRO A 367 9.66 24.82 -2.82
C PRO A 367 10.33 24.03 -1.71
N LYS A 368 9.66 23.01 -1.19
CA LYS A 368 10.25 22.13 -0.19
C LYS A 368 11.51 21.42 -0.67
N ILE A 369 11.50 20.90 -1.90
CA ILE A 369 12.70 20.30 -2.46
C ILE A 369 13.84 21.33 -2.48
N GLN A 370 13.54 22.50 -3.03
CA GLN A 370 14.52 23.59 -3.01
C GLN A 370 14.94 23.87 -1.58
N GLN A 371 14.00 23.96 -0.67
CA GLN A 371 14.34 24.30 0.72
C GLN A 371 15.25 23.20 1.36
N LEU A 372 15.00 21.94 1.06
CA LEU A 372 15.74 20.86 1.68
C LEU A 372 17.18 20.80 1.14
N VAL A 373 17.34 21.27 -0.10
CA VAL A 373 18.64 21.30 -0.74
C VAL A 373 19.44 22.46 -0.18
N LYS A 374 18.82 23.62 -0.17
CA LYS A 374 19.40 24.83 0.42
C LYS A 374 19.90 24.53 1.82
N GLU A 375 19.02 23.99 2.65
CA GLU A 375 19.36 23.65 4.02
C GLU A 375 20.54 22.67 4.10
N PHE A 376 20.51 21.62 3.30
CA PHE A 376 21.59 20.64 3.21
C PHE A 376 22.95 21.26 2.99
N PHE A 377 23.01 22.25 2.10
CA PHE A 377 24.26 22.98 1.85
C PHE A 377 24.37 24.27 2.67
N ASN A 378 23.88 24.24 3.92
CA ASN A 378 24.08 25.32 4.90
C ASN A 378 23.81 26.71 4.36
N GLY A 379 22.74 26.87 3.60
CA GLY A 379 22.30 28.18 3.15
C GLY A 379 22.71 28.63 1.76
N LYS A 380 23.47 27.82 1.04
CA LYS A 380 23.85 28.22 -0.29
C LYS A 380 22.64 28.17 -1.21
N GLU A 381 22.44 29.23 -1.98
CA GLU A 381 21.39 29.28 -2.96
C GLU A 381 21.85 28.58 -4.22
N PRO A 382 20.95 27.85 -4.89
CA PRO A 382 21.37 27.24 -6.11
C PRO A 382 21.30 28.24 -7.24
N SER A 383 22.12 28.00 -8.24
CA SER A 383 22.07 28.75 -9.47
C SER A 383 20.62 28.94 -9.97
N ARG A 384 20.45 29.98 -10.77
CA ARG A 384 19.15 30.53 -11.09
C ARG A 384 19.21 31.01 -12.54
N GLY A 385 18.04 31.25 -13.13
CA GLY A 385 17.93 31.92 -14.44
C GLY A 385 17.68 31.07 -15.67
N ILE A 386 17.66 29.73 -15.53
CA ILE A 386 17.22 28.82 -16.57
C ILE A 386 15.95 28.08 -16.09
N ASN A 387 15.07 27.79 -17.03
CA ASN A 387 13.82 27.13 -16.74
C ASN A 387 14.12 25.62 -16.54
N PRO A 388 13.81 25.07 -15.35
CA PRO A 388 14.18 23.70 -15.02
C PRO A 388 13.53 22.65 -15.89
N ASP A 389 12.40 22.98 -16.53
CA ASP A 389 11.75 22.06 -17.44
C ASP A 389 12.49 22.02 -18.78
N GLU A 390 13.34 23.02 -19.03
CA GLU A 390 13.93 23.22 -20.36
C GLU A 390 15.46 23.23 -20.38
N ALA A 391 16.08 23.19 -19.20
CA ALA A 391 17.52 23.28 -19.02
C ALA A 391 18.37 22.28 -19.81
N VAL A 392 17.94 21.04 -19.87
CA VAL A 392 18.74 20.01 -20.50
C VAL A 392 18.71 20.22 -22.01
N ALA A 393 17.53 20.55 -22.55
CA ALA A 393 17.40 20.84 -23.99
C ALA A 393 18.17 22.10 -24.31
N TYR A 394 18.24 23.00 -23.34
CA TYR A 394 18.88 24.31 -23.47
C TYR A 394 20.35 24.10 -23.73
N GLY A 395 20.97 23.34 -22.84
CA GLY A 395 22.36 22.96 -22.97
C GLY A 395 22.64 22.26 -24.28
N ALA A 396 21.80 21.28 -24.62
CA ALA A 396 22.01 20.54 -25.87
C ALA A 396 22.00 21.52 -27.03
N ALA A 397 21.04 22.46 -27.04
CA ALA A 397 20.90 23.44 -28.12
C ALA A 397 22.15 24.31 -28.25
N VAL A 398 22.78 24.65 -27.12
CA VAL A 398 23.99 25.49 -27.15
C VAL A 398 25.08 24.76 -27.92
N GLN A 399 25.30 23.50 -27.57
CA GLN A 399 26.30 22.70 -28.23
C GLN A 399 25.92 22.41 -29.68
N ALA A 400 24.64 22.16 -29.96
CA ALA A 400 24.17 22.07 -31.37
C ALA A 400 24.59 23.27 -32.20
N GLY A 401 24.50 24.44 -31.58
CA GLY A 401 24.85 25.69 -32.26
C GLY A 401 26.35 25.84 -32.53
N VAL A 402 27.16 25.36 -31.58
CA VAL A 402 28.60 25.27 -31.76
C VAL A 402 28.95 24.25 -32.85
N LEU A 403 28.36 23.05 -32.75
CA LEU A 403 28.57 22.04 -33.78
C LEU A 403 28.01 22.53 -35.12
N SER A 404 27.04 23.45 -35.05
CA SER A 404 26.63 24.33 -36.16
C SER A 404 25.21 24.06 -36.63
N ASN B 17 -34.99 -15.15 35.12
CA ASN B 17 -35.29 -16.16 34.05
C ASN B 17 -35.64 -15.50 32.69
N LEU B 18 -36.84 -14.94 32.52
CA LEU B 18 -37.22 -14.36 31.20
C LEU B 18 -37.09 -12.81 31.12
N TYR B 19 -36.52 -12.33 30.00
CA TYR B 19 -36.37 -10.90 29.76
C TYR B 19 -37.44 -10.38 28.81
N PHE B 20 -38.12 -9.32 29.18
CA PHE B 20 -39.15 -8.76 28.33
C PHE B 20 -38.71 -7.41 27.78
N GLN B 21 -38.56 -7.34 26.45
CA GLN B 21 -38.32 -6.05 25.79
C GLN B 21 -39.55 -5.14 25.90
N SER B 22 -39.32 -3.83 25.75
CA SER B 22 -40.39 -2.85 25.77
C SER B 22 -40.36 -2.16 24.44
N MET B 23 -41.04 -1.03 24.32
CA MET B 23 -40.93 -0.22 23.09
C MET B 23 -39.64 0.66 23.03
N ASP B 24 -39.14 1.09 24.17
CA ASP B 24 -37.90 1.89 24.24
C ASP B 24 -36.63 1.03 24.33
N VAL B 25 -36.71 -0.11 25.03
CA VAL B 25 -35.56 -0.96 25.30
C VAL B 25 -35.72 -2.30 24.62
N GLY B 26 -34.76 -2.62 23.76
CA GLY B 26 -34.86 -3.76 22.86
C GLY B 26 -34.35 -5.08 23.41
N THR B 27 -34.29 -6.09 22.54
CA THR B 27 -34.04 -7.46 22.96
C THR B 27 -32.61 -7.72 23.49
N VAL B 28 -32.33 -8.95 23.90
CA VAL B 28 -31.01 -9.32 24.39
C VAL B 28 -30.07 -9.61 23.20
N VAL B 29 -28.88 -9.02 23.21
CA VAL B 29 -27.90 -9.26 22.14
C VAL B 29 -26.92 -10.37 22.50
N GLY B 30 -26.46 -11.07 21.47
CA GLY B 30 -25.35 -12.03 21.63
C GLY B 30 -24.06 -11.38 21.15
N ILE B 31 -23.00 -11.49 21.95
CA ILE B 31 -21.71 -10.87 21.55
C ILE B 31 -20.54 -11.84 21.60
N ASP B 32 -19.81 -11.89 20.48
CA ASP B 32 -18.54 -12.61 20.39
C ASP B 32 -17.52 -11.52 20.65
N LEU B 33 -16.99 -11.49 21.87
CA LEU B 33 -15.97 -10.51 22.19
C LEU B 33 -14.66 -11.21 21.94
N GLY B 34 -14.10 -11.02 20.75
CA GLY B 34 -13.01 -11.78 20.32
C GLY B 34 -11.69 -11.07 20.44
N THR B 35 -10.64 -11.84 20.25
CA THR B 35 -9.29 -11.32 20.42
C THR B 35 -8.96 -10.23 19.43
N THR B 36 -9.19 -10.49 18.15
CA THR B 36 -8.87 -9.48 17.13
C THR B 36 -10.13 -8.87 16.52
N TYR B 37 -11.26 -9.59 16.57
CA TYR B 37 -12.54 -9.03 16.12
C TYR B 37 -13.66 -9.37 17.05
N SER B 38 -14.77 -8.61 16.93
CA SER B 38 -16.02 -8.87 17.62
C SER B 38 -17.19 -8.86 16.66
N CYS B 39 -18.28 -9.51 17.12
CA CYS B 39 -19.48 -9.67 16.32
C CYS B 39 -20.71 -9.68 17.25
N VAL B 40 -21.76 -8.97 16.84
CA VAL B 40 -22.96 -8.90 17.63
C VAL B 40 -24.12 -9.36 16.77
N GLY B 41 -25.03 -10.12 17.38
CA GLY B 41 -26.17 -10.64 16.65
C GLY B 41 -27.39 -10.62 17.53
N VAL B 42 -28.53 -10.92 16.93
CA VAL B 42 -29.77 -10.97 17.67
C VAL B 42 -30.72 -11.96 17.04
N PHE B 43 -31.53 -12.59 17.89
CA PHE B 43 -32.61 -13.46 17.45
C PHE B 43 -33.90 -12.63 17.31
N LYS B 44 -34.34 -12.47 16.06
CA LYS B 44 -35.49 -11.61 15.73
C LYS B 44 -36.28 -12.33 14.64
N ASN B 45 -37.60 -12.33 14.78
CA ASN B 45 -38.46 -12.88 13.73
C ASN B 45 -38.07 -14.32 13.38
N GLY B 46 -37.67 -15.11 14.36
CA GLY B 46 -37.32 -16.53 14.13
C GLY B 46 -35.94 -16.86 13.56
N ARG B 47 -35.23 -15.88 13.00
CA ARG B 47 -33.83 -16.10 12.53
C ARG B 47 -32.83 -15.28 13.38
N VAL B 48 -31.57 -15.74 13.38
CA VAL B 48 -30.45 -14.98 13.95
C VAL B 48 -30.15 -13.95 12.92
N GLU B 49 -30.00 -12.69 13.33
CA GLU B 49 -29.57 -11.63 12.42
C GLU B 49 -28.23 -11.05 12.91
N ILE B 50 -27.15 -11.24 12.14
CA ILE B 50 -25.82 -10.76 12.55
C ILE B 50 -25.68 -9.33 12.07
N ILE B 51 -25.55 -8.41 13.02
CA ILE B 51 -25.75 -6.99 12.74
C ILE B 51 -24.51 -6.29 12.15
N ALA B 52 -24.69 -5.61 11.02
CA ALA B 52 -23.59 -4.91 10.39
C ALA B 52 -23.36 -3.58 11.13
N ASN B 53 -22.12 -3.12 11.19
CA ASN B 53 -21.78 -1.88 11.90
C ASN B 53 -21.97 -0.65 10.98
N ASP B 54 -21.70 0.55 11.49
CA ASP B 54 -21.87 1.77 10.67
C ASP B 54 -21.06 1.69 9.36
N GLN B 55 -20.01 0.89 9.33
CA GLN B 55 -19.17 0.74 8.12
C GLN B 55 -19.67 -0.31 7.13
N GLY B 56 -20.76 -1.00 7.47
CA GLY B 56 -21.26 -2.11 6.65
C GLY B 56 -20.55 -3.41 6.94
N ASN B 57 -19.80 -3.48 8.04
CA ASN B 57 -19.07 -4.70 8.38
C ASN B 57 -19.74 -5.53 9.49
N ARG B 58 -19.89 -6.82 9.21
CA ARG B 58 -20.56 -7.73 10.11
C ARG B 58 -19.70 -8.22 11.26
N ILE B 59 -18.37 -8.05 11.13
CA ILE B 59 -17.47 -8.15 12.28
C ILE B 59 -16.69 -6.83 12.47
N THR B 60 -16.35 -6.49 13.72
CA THR B 60 -15.67 -5.21 14.08
C THR B 60 -14.33 -5.46 14.80
N PRO B 61 -13.22 -4.84 14.33
CA PRO B 61 -11.89 -4.97 14.99
C PRO B 61 -11.88 -4.65 16.47
N SER B 62 -11.27 -5.49 17.30
CA SER B 62 -11.37 -5.32 18.75
C SER B 62 -10.23 -4.38 19.15
N TYR B 63 -10.38 -3.14 18.69
CA TYR B 63 -9.35 -2.09 18.73
C TYR B 63 -9.87 -0.75 19.28
N VAL B 64 -9.04 -0.12 20.10
CA VAL B 64 -9.31 1.20 20.58
C VAL B 64 -8.11 2.08 20.28
N ALA B 65 -8.33 3.27 19.72
CA ALA B 65 -7.23 4.22 19.58
C ALA B 65 -7.55 5.62 20.17
N PHE B 66 -6.51 6.22 20.75
CA PHE B 66 -6.56 7.56 21.35
C PHE B 66 -5.67 8.48 20.55
N THR B 67 -6.28 9.36 19.79
CA THR B 67 -5.51 10.30 18.96
C THR B 67 -4.88 11.38 19.84
N PRO B 68 -3.81 12.03 19.32
CA PRO B 68 -3.38 13.30 19.94
C PRO B 68 -4.56 14.24 20.23
N GLU B 69 -5.35 14.54 19.22
CA GLU B 69 -6.39 15.54 19.31
C GLU B 69 -7.57 15.25 20.29
N GLY B 70 -7.48 14.21 21.13
CA GLY B 70 -8.55 13.88 22.12
C GLY B 70 -9.68 12.95 21.70
N GLU B 71 -9.68 12.53 20.43
CA GLU B 71 -10.68 11.61 19.91
C GLU B 71 -10.34 10.16 20.30
N ARG B 72 -11.35 9.49 20.84
CA ARG B 72 -11.32 8.08 21.10
C ARG B 72 -11.90 7.36 19.88
N LEU B 73 -11.14 6.48 19.23
CA LEU B 73 -11.66 5.71 18.07
C LEU B 73 -11.85 4.22 18.41
N ILE B 74 -12.90 3.61 17.88
CA ILE B 74 -13.12 2.20 18.12
C ILE B 74 -13.45 1.49 16.85
N GLY B 75 -13.01 0.23 16.79
CA GLY B 75 -13.27 -0.62 15.65
C GLY B 75 -12.32 -0.33 14.51
N ASP B 76 -12.91 -0.24 13.32
CA ASP B 76 -12.11 -0.16 12.13
C ASP B 76 -11.26 1.09 12.07
N ALA B 77 -11.79 2.19 12.61
CA ALA B 77 -11.06 3.46 12.60
C ALA B 77 -9.85 3.45 13.57
N ALA B 78 -9.96 2.67 14.65
CA ALA B 78 -8.84 2.48 15.57
C ALA B 78 -7.73 1.71 14.87
N LYS B 79 -8.10 0.62 14.24
CA LYS B 79 -7.23 -0.24 13.44
C LYS B 79 -6.65 0.43 12.17
N ASN B 80 -7.40 1.31 11.57
CA ASN B 80 -7.00 2.01 10.37
C ASN B 80 -5.79 2.86 10.64
N GLN B 81 -5.50 3.15 11.89
CA GLN B 81 -4.55 4.13 12.24
C GLN B 81 -3.49 3.61 13.20
N LEU B 82 -3.04 2.40 13.01
CA LEU B 82 -2.22 1.64 13.94
C LEU B 82 -0.72 1.88 13.71
N THR B 83 -0.35 2.33 12.52
CA THR B 83 1.07 2.48 12.16
C THR B 83 1.52 3.87 12.56
N SER B 84 0.63 4.83 12.32
CA SER B 84 0.86 6.19 12.61
C SER B 84 0.76 6.42 14.09
N ASN B 85 0.05 5.56 14.82
CA ASN B 85 -0.16 5.78 16.26
C ASN B 85 0.04 4.50 17.07
N PRO B 86 1.25 3.93 16.99
CA PRO B 86 1.49 2.63 17.63
C PRO B 86 1.37 2.66 19.14
N GLU B 87 1.89 3.67 19.81
CA GLU B 87 1.90 3.62 21.28
C GLU B 87 0.50 3.75 21.86
N ASN B 88 -0.43 4.39 21.14
CA ASN B 88 -1.77 4.69 21.68
C ASN B 88 -2.97 3.99 20.96
N THR B 89 -2.65 2.94 20.19
CA THR B 89 -3.61 2.05 19.64
C THR B 89 -3.53 0.76 20.46
N VAL B 90 -4.63 0.44 21.14
CA VAL B 90 -4.74 -0.72 22.01
C VAL B 90 -5.53 -1.86 21.34
N PHE B 91 -5.01 -3.07 21.50
CA PHE B 91 -5.62 -4.28 21.00
C PHE B 91 -5.17 -5.46 21.87
N ASP B 92 -5.68 -6.67 21.62
CA ASP B 92 -5.27 -7.88 22.39
C ASP B 92 -5.52 -7.72 23.92
N ALA B 93 -6.47 -6.87 24.27
CA ALA B 93 -6.86 -6.67 25.66
C ALA B 93 -7.39 -7.98 26.30
N LYS B 94 -8.03 -8.80 25.49
CA LYS B 94 -8.50 -10.11 25.89
C LYS B 94 -7.36 -10.97 26.40
N ARG B 95 -6.15 -10.70 25.90
CA ARG B 95 -4.95 -11.39 26.37
C ARG B 95 -4.59 -11.08 27.81
N LEU B 96 -5.00 -9.89 28.31
CA LEU B 96 -4.71 -9.46 29.69
C LEU B 96 -5.90 -9.46 30.69
N ILE B 97 -7.13 -9.60 30.20
CA ILE B 97 -8.32 -9.38 31.01
C ILE B 97 -8.47 -10.44 32.11
N GLY B 98 -8.72 -9.96 33.34
CA GLY B 98 -8.90 -10.81 34.50
C GLY B 98 -7.67 -11.55 34.96
N ARG B 99 -6.47 -11.09 34.56
CA ARG B 99 -5.25 -11.78 34.93
C ARG B 99 -4.45 -10.97 35.94
N THR B 100 -3.68 -11.66 36.80
CA THR B 100 -2.72 -10.96 37.68
C THR B 100 -1.48 -10.57 36.88
N TRP B 101 -0.73 -9.60 37.40
CA TRP B 101 0.57 -9.22 36.83
C TRP B 101 1.56 -10.42 36.79
N ASN B 102 1.55 -11.25 37.82
CA ASN B 102 2.49 -12.35 37.97
C ASN B 102 2.20 -13.51 37.04
N ASP B 103 0.99 -13.54 36.48
CA ASP B 103 0.62 -14.56 35.53
C ASP B 103 1.70 -14.57 34.45
N PRO B 104 2.33 -15.75 34.22
CA PRO B 104 3.36 -15.93 33.17
C PRO B 104 2.91 -15.57 31.76
N SER B 105 1.62 -15.71 31.50
CA SER B 105 1.07 -15.27 30.22
C SER B 105 1.27 -13.76 29.98
N VAL B 106 0.95 -12.98 31.03
CA VAL B 106 1.06 -11.53 30.99
C VAL B 106 2.52 -11.09 30.85
N GLN B 107 3.41 -11.71 31.61
CA GLN B 107 4.82 -11.34 31.56
C GLN B 107 5.33 -11.55 30.14
N GLN B 108 4.86 -12.61 29.47
CA GLN B 108 5.31 -12.86 28.10
C GLN B 108 4.70 -11.82 27.21
N ASP B 109 3.39 -11.68 27.30
CA ASP B 109 2.70 -10.80 26.32
C ASP B 109 3.19 -9.38 26.29
N ILE B 110 3.43 -8.79 27.45
CA ILE B 110 3.69 -7.35 27.50
C ILE B 110 4.96 -7.00 26.73
N LYS B 111 5.88 -7.97 26.62
CA LYS B 111 7.10 -7.85 25.81
C LYS B 111 6.78 -7.50 24.37
N PHE B 112 5.62 -7.89 23.90
CA PHE B 112 5.31 -7.81 22.49
C PHE B 112 4.24 -6.80 22.10
N LEU B 113 3.57 -6.20 23.07
CA LEU B 113 2.56 -5.18 22.82
C LEU B 113 3.22 -3.81 22.60
N PRO B 114 2.77 -3.04 21.62
CA PRO B 114 3.50 -1.79 21.34
C PRO B 114 3.08 -0.60 22.24
N PHE B 115 2.02 -0.83 23.04
CA PHE B 115 1.52 0.16 24.01
C PHE B 115 1.99 -0.20 25.43
N LYS B 116 1.97 0.79 26.32
CA LYS B 116 2.54 0.61 27.64
C LYS B 116 1.65 -0.24 28.55
N VAL B 117 2.24 -1.21 29.25
CA VAL B 117 1.50 -1.96 30.26
C VAL B 117 2.19 -1.91 31.61
N VAL B 118 1.71 -1.07 32.51
CA VAL B 118 2.29 -0.96 33.81
C VAL B 118 1.52 -1.82 34.84
N GLU B 119 2.18 -2.08 35.98
CA GLU B 119 1.58 -2.76 37.12
C GLU B 119 0.97 -1.76 38.10
N LYS B 120 -0.32 -1.94 38.41
CA LYS B 120 -1.04 -1.27 39.52
C LYS B 120 -1.73 -2.33 40.35
N LYS B 121 -1.56 -2.28 41.67
CA LYS B 121 -2.29 -3.22 42.55
C LYS B 121 -2.21 -4.66 42.01
N THR B 122 -1.01 -5.05 41.62
CA THR B 122 -0.65 -6.41 41.19
C THR B 122 -1.34 -6.81 39.90
N LYS B 123 -1.89 -5.85 39.18
CA LYS B 123 -2.65 -6.14 37.95
C LYS B 123 -2.09 -5.34 36.81
N PRO B 124 -2.26 -5.88 35.58
CA PRO B 124 -1.84 -5.16 34.39
C PRO B 124 -2.81 -4.02 34.07
N TYR B 125 -2.26 -2.85 33.73
CA TYR B 125 -3.05 -1.72 33.27
C TYR B 125 -2.38 -1.20 32.04
N ILE B 126 -3.19 -0.61 31.18
CA ILE B 126 -2.72 -0.06 29.93
C ILE B 126 -2.68 1.43 30.10
N GLN B 127 -1.57 2.04 29.71
CA GLN B 127 -1.36 3.47 29.90
C GLN B 127 -1.19 4.12 28.55
N VAL B 128 -2.04 5.07 28.22
CA VAL B 128 -1.94 5.74 26.93
C VAL B 128 -1.94 7.25 27.10
N ASP B 129 -1.40 7.97 26.11
CA ASP B 129 -1.48 9.42 26.05
C ASP B 129 -2.85 9.77 25.50
N ILE B 130 -3.72 10.39 26.30
CA ILE B 130 -5.10 10.67 25.85
C ILE B 130 -5.30 12.09 25.32
N GLY B 131 -4.24 12.74 24.83
CA GLY B 131 -4.30 14.13 24.36
C GLY B 131 -4.21 15.18 25.47
N GLY B 132 -3.85 16.41 25.08
CA GLY B 132 -3.81 17.55 26.01
C GLY B 132 -2.83 17.41 27.16
N GLY B 133 -1.76 16.66 26.92
CA GLY B 133 -0.74 16.44 27.93
C GLY B 133 -1.06 15.37 28.98
N GLN B 134 -2.21 14.71 28.88
CA GLN B 134 -2.58 13.73 29.91
C GLN B 134 -2.39 12.28 29.46
N THR B 135 -2.15 11.46 30.45
CA THR B 135 -2.12 10.04 30.28
C THR B 135 -3.19 9.53 31.21
N LYS B 136 -3.70 8.36 30.85
CA LYS B 136 -4.72 7.70 31.61
C LYS B 136 -4.29 6.24 31.67
N THR B 137 -4.77 5.51 32.65
CA THR B 137 -4.46 4.12 32.79
C THR B 137 -5.76 3.38 32.82
N PHE B 138 -5.91 2.43 31.91
CA PHE B 138 -7.12 1.63 31.80
C PHE B 138 -6.81 0.18 32.13
N ALA B 139 -7.70 -0.43 32.91
CA ALA B 139 -7.75 -1.87 33.07
C ALA B 139 -8.09 -2.49 31.72
N PRO B 140 -7.65 -3.74 31.51
CA PRO B 140 -8.03 -4.36 30.25
C PRO B 140 -9.54 -4.42 30.10
N GLU B 141 -10.24 -4.61 31.21
CA GLU B 141 -11.70 -4.68 31.14
C GLU B 141 -12.33 -3.32 30.77
N GLU B 142 -11.65 -2.21 31.04
CA GLU B 142 -12.13 -0.89 30.57
C GLU B 142 -12.00 -0.79 29.07
N ILE B 143 -10.93 -1.36 28.55
CA ILE B 143 -10.72 -1.34 27.09
C ILE B 143 -11.75 -2.25 26.37
N SER B 144 -12.04 -3.42 26.92
CA SER B 144 -13.04 -4.30 26.32
C SER B 144 -14.42 -3.66 26.49
N ALA B 145 -14.62 -2.96 27.60
CA ALA B 145 -15.83 -2.15 27.77
C ALA B 145 -16.12 -1.25 26.56
N MET B 146 -15.06 -0.63 26.04
CA MET B 146 -15.17 0.31 24.96
C MET B 146 -15.53 -0.42 23.68
N VAL B 147 -14.94 -1.60 23.50
CA VAL B 147 -15.25 -2.41 22.34
C VAL B 147 -16.72 -2.81 22.42
N LEU B 148 -17.14 -3.31 23.58
CA LEU B 148 -18.55 -3.68 23.84
C LEU B 148 -19.53 -2.52 23.62
N THR B 149 -19.12 -1.30 23.99
CA THR B 149 -19.93 -0.09 23.72
C THR B 149 -20.19 0.14 22.21
N LYS B 150 -19.16 -0.02 21.38
CA LYS B 150 -19.36 -0.01 19.93
C LYS B 150 -20.30 -1.13 19.52
N MET B 151 -20.11 -2.34 20.05
CA MET B 151 -21.05 -3.42 19.69
C MET B 151 -22.49 -3.08 20.15
N LYS B 152 -22.63 -2.55 21.38
CA LYS B 152 -23.92 -2.05 21.89
C LYS B 152 -24.56 -1.10 20.89
N GLU B 153 -23.80 -0.16 20.41
CA GLU B 153 -24.39 0.93 19.60
C GLU B 153 -24.76 0.41 18.24
N THR B 154 -24.02 -0.58 17.75
CA THR B 154 -24.29 -1.19 16.47
C THR B 154 -25.66 -1.89 16.54
N ALA B 155 -25.84 -2.65 17.62
CA ALA B 155 -27.10 -3.32 17.89
C ALA B 155 -28.26 -2.32 17.94
N GLU B 156 -28.07 -1.25 18.72
CA GLU B 156 -29.08 -0.23 18.92
C GLU B 156 -29.50 0.52 17.67
N ALA B 157 -28.56 0.75 16.75
CA ALA B 157 -28.90 1.36 15.46
C ALA B 157 -29.73 0.42 14.63
N TYR B 158 -29.51 -0.89 14.78
CA TYR B 158 -30.24 -1.86 13.97
C TYR B 158 -31.64 -1.98 14.53
N LEU B 159 -31.74 -2.08 15.86
CA LEU B 159 -33.01 -2.30 16.53
C LEU B 159 -33.84 -1.03 16.68
N GLY B 160 -33.27 0.15 16.42
CA GLY B 160 -33.93 1.40 16.85
C GLY B 160 -34.39 1.44 18.32
N LYS B 161 -33.65 0.81 19.22
CA LYS B 161 -34.02 0.84 20.62
C LYS B 161 -32.77 0.86 21.44
N LYS B 162 -32.89 1.04 22.75
CA LYS B 162 -31.74 0.98 23.64
C LYS B 162 -31.42 -0.50 23.85
N VAL B 163 -30.13 -0.84 24.04
CA VAL B 163 -29.70 -2.22 24.36
C VAL B 163 -29.02 -2.28 25.71
N THR B 164 -29.64 -3.01 26.62
CA THR B 164 -29.25 -3.03 28.01
C THR B 164 -28.77 -4.39 28.49
N HIS B 165 -29.06 -5.45 27.75
CA HIS B 165 -28.72 -6.79 28.23
C HIS B 165 -28.04 -7.58 27.13
N ALA B 166 -27.18 -8.50 27.53
CA ALA B 166 -26.34 -9.25 26.61
C ALA B 166 -25.94 -10.61 27.12
N VAL B 167 -25.66 -11.49 26.16
CA VAL B 167 -24.98 -12.74 26.37
C VAL B 167 -23.63 -12.63 25.66
N VAL B 168 -22.54 -12.79 26.40
CA VAL B 168 -21.18 -12.58 25.88
C VAL B 168 -20.44 -13.88 26.01
N THR B 169 -19.56 -14.18 25.06
CA THR B 169 -18.89 -15.44 25.02
C THR B 169 -17.46 -15.27 25.49
N VAL B 170 -16.85 -16.38 25.88
CA VAL B 170 -15.47 -16.41 26.32
C VAL B 170 -14.89 -17.80 26.07
N PRO B 171 -13.56 -17.89 25.94
CA PRO B 171 -12.87 -19.16 25.76
C PRO B 171 -13.14 -20.14 26.88
N ALA B 172 -13.15 -21.41 26.52
CA ALA B 172 -13.51 -22.46 27.46
C ALA B 172 -12.60 -22.38 28.69
N TYR B 173 -11.35 -22.00 28.48
CA TYR B 173 -10.32 -22.08 29.51
C TYR B 173 -10.36 -20.88 30.46
N PHE B 174 -11.16 -19.86 30.16
CA PHE B 174 -11.22 -18.71 31.06
C PHE B 174 -11.58 -19.18 32.46
N ASN B 175 -10.94 -18.60 33.47
CA ASN B 175 -11.27 -18.87 34.90
C ASN B 175 -12.35 -17.91 35.45
N ASP B 176 -12.55 -17.91 36.76
CA ASP B 176 -13.55 -17.02 37.38
C ASP B 176 -13.20 -15.56 37.36
N ALA B 177 -11.94 -15.24 37.60
CA ALA B 177 -11.45 -13.87 37.52
C ALA B 177 -11.64 -13.34 36.11
N GLN B 178 -11.25 -14.13 35.12
CA GLN B 178 -11.48 -13.78 33.70
C GLN B 178 -12.99 -13.68 33.29
N ARG B 179 -13.83 -14.58 33.76
CA ARG B 179 -15.28 -14.49 33.51
C ARG B 179 -15.87 -13.25 34.17
N GLN B 180 -15.50 -13.00 35.44
CA GLN B 180 -15.98 -11.81 36.16
C GLN B 180 -15.54 -10.53 35.48
N ALA B 181 -14.31 -10.50 35.00
CA ALA B 181 -13.77 -9.32 34.40
C ALA B 181 -14.48 -9.01 33.06
N THR B 182 -14.88 -10.05 32.32
CA THR B 182 -15.69 -9.85 31.10
C THR B 182 -17.08 -9.30 31.49
N LYS B 183 -17.72 -9.87 32.52
CA LYS B 183 -18.97 -9.31 33.05
C LYS B 183 -18.82 -7.85 33.47
N ASP B 184 -17.74 -7.53 34.18
CA ASP B 184 -17.50 -6.11 34.59
C ASP B 184 -17.41 -5.19 33.35
N ALA B 185 -16.72 -5.67 32.32
CA ALA B 185 -16.59 -4.90 31.08
C ALA B 185 -17.94 -4.58 30.49
N GLY B 186 -18.87 -5.56 30.47
CA GLY B 186 -20.25 -5.24 30.08
C GLY B 186 -20.78 -4.15 30.98
N THR B 187 -20.62 -4.35 32.29
CA THR B 187 -21.12 -3.38 33.28
C THR B 187 -20.60 -1.99 32.99
N ILE B 188 -19.30 -1.81 32.70
CA ILE B 188 -18.78 -0.48 32.35
C ILE B 188 -19.46 0.13 31.13
N ALA B 189 -19.81 -0.72 30.15
CA ALA B 189 -20.46 -0.32 28.92
C ALA B 189 -21.97 -0.13 29.03
N GLY B 190 -22.55 -0.48 30.18
CA GLY B 190 -23.98 -0.36 30.38
C GLY B 190 -24.77 -1.57 29.97
N LEU B 191 -24.11 -2.73 29.90
CA LEU B 191 -24.75 -3.98 29.49
C LEU B 191 -24.83 -4.90 30.68
N ASN B 192 -26.03 -5.31 31.06
CA ASN B 192 -26.17 -6.41 32.01
C ASN B 192 -25.89 -7.67 31.24
N VAL B 193 -24.72 -8.26 31.49
CA VAL B 193 -24.38 -9.55 30.87
C VAL B 193 -25.10 -10.68 31.64
N MET B 194 -26.20 -11.19 31.08
CA MET B 194 -27.01 -12.20 31.78
C MET B 194 -26.34 -13.56 31.85
N ARG B 195 -25.56 -13.86 30.83
CA ARG B 195 -24.90 -15.12 30.79
C ARG B 195 -23.60 -14.98 30.06
N ILE B 196 -22.56 -15.54 30.67
CA ILE B 196 -21.31 -15.87 29.99
C ILE B 196 -21.35 -17.31 29.51
N ILE B 197 -21.14 -17.54 28.21
CA ILE B 197 -21.01 -18.90 27.69
C ILE B 197 -19.71 -19.16 26.91
N ASN B 198 -19.22 -20.40 27.00
CA ASN B 198 -18.02 -20.80 26.37
C ASN B 198 -18.14 -20.71 24.83
N GLU B 199 -17.10 -20.20 24.18
CA GLU B 199 -17.08 -20.02 22.71
C GLU B 199 -17.38 -21.28 21.90
N PRO B 200 -16.69 -22.38 22.20
CA PRO B 200 -16.99 -23.63 21.53
C PRO B 200 -18.43 -24.14 21.78
N THR B 201 -18.95 -23.94 22.98
CA THR B 201 -20.36 -24.22 23.26
C THR B 201 -21.26 -23.37 22.38
N ALA B 202 -20.99 -22.07 22.28
CA ALA B 202 -21.70 -21.16 21.36
C ALA B 202 -21.68 -21.64 19.91
N ALA B 203 -20.50 -22.11 19.48
CA ALA B 203 -20.29 -22.67 18.14
C ALA B 203 -21.14 -23.96 17.94
N ALA B 204 -21.17 -24.83 18.94
CA ALA B 204 -22.04 -26.03 18.90
C ALA B 204 -23.51 -25.65 18.78
N ILE B 205 -23.94 -24.67 19.55
CA ILE B 205 -25.32 -24.23 19.50
C ILE B 205 -25.72 -23.66 18.12
N ALA B 206 -24.79 -23.00 17.44
CA ALA B 206 -25.10 -22.39 16.16
C ALA B 206 -25.38 -23.47 15.11
N TYR B 207 -24.67 -24.60 15.21
CA TYR B 207 -24.93 -25.74 14.35
C TYR B 207 -26.06 -26.71 14.80
N GLY B 208 -26.82 -26.32 15.82
CA GLY B 208 -27.95 -27.12 16.30
C GLY B 208 -27.57 -28.36 17.12
N LEU B 209 -26.30 -28.48 17.50
CA LEU B 209 -25.80 -29.74 18.08
C LEU B 209 -26.34 -30.04 19.48
N ASP B 210 -27.15 -29.11 20.01
CA ASP B 210 -27.86 -29.27 21.26
C ASP B 210 -29.20 -30.03 21.08
N LYS B 211 -29.90 -29.79 19.97
CA LYS B 211 -31.13 -30.54 19.62
C LYS B 211 -30.82 -31.95 19.04
N GLY B 214 -29.04 -38.45 21.78
CA GLY B 214 -28.23 -39.16 22.78
C GLY B 214 -26.93 -38.45 23.10
N GLU B 215 -25.87 -39.19 23.42
CA GLU B 215 -24.58 -38.60 23.81
C GLU B 215 -23.58 -38.45 22.66
N LYS B 216 -23.34 -37.20 22.28
CA LYS B 216 -22.45 -36.85 21.19
C LYS B 216 -21.12 -36.27 21.72
N ASN B 217 -20.05 -36.55 20.97
CA ASN B 217 -18.73 -35.98 21.20
C ASN B 217 -18.36 -35.01 20.09
N ILE B 218 -18.13 -33.76 20.47
CA ILE B 218 -17.92 -32.66 19.48
C ILE B 218 -16.50 -32.15 19.65
N LEU B 219 -15.71 -32.16 18.58
CA LEU B 219 -14.46 -31.42 18.56
C LEU B 219 -14.68 -30.04 17.94
N VAL B 220 -14.26 -29.00 18.63
CA VAL B 220 -14.34 -27.63 18.10
C VAL B 220 -12.90 -27.13 17.85
N PHE B 221 -12.66 -26.76 16.59
CA PHE B 221 -11.38 -26.29 16.11
C PHE B 221 -11.67 -24.84 15.79
N ASP B 222 -11.10 -23.96 16.63
CA ASP B 222 -11.25 -22.50 16.52
C ASP B 222 -9.87 -21.79 16.25
N LEU B 223 -9.67 -21.33 15.02
CA LEU B 223 -8.42 -20.72 14.58
C LEU B 223 -8.74 -19.31 14.11
N GLY B 224 -8.31 -18.32 14.92
CA GLY B 224 -8.64 -16.91 14.68
C GLY B 224 -7.46 -16.26 14.03
N GLY B 225 -7.30 -14.97 14.32
CA GLY B 225 -6.24 -14.16 13.80
C GLY B 225 -4.97 -14.28 14.60
N GLY B 226 -5.11 -14.52 15.90
CA GLY B 226 -3.97 -14.68 16.79
C GLY B 226 -3.99 -15.88 17.75
N THR B 227 -5.08 -16.64 17.77
CA THR B 227 -5.17 -17.75 18.70
C THR B 227 -5.77 -18.99 18.06
N PHE B 228 -5.34 -20.13 18.54
CA PHE B 228 -5.85 -21.42 18.13
C PHE B 228 -6.32 -22.10 19.39
N ASP B 229 -7.61 -22.47 19.42
CA ASP B 229 -8.30 -23.13 20.56
C ASP B 229 -8.98 -24.42 20.09
N VAL B 230 -8.64 -25.55 20.71
CA VAL B 230 -9.30 -26.78 20.39
C VAL B 230 -10.03 -27.21 21.64
N SER B 231 -11.27 -27.64 21.47
CA SER B 231 -12.04 -28.02 22.63
C SER B 231 -12.76 -29.34 22.33
N LEU B 232 -12.74 -30.27 23.27
CA LEU B 232 -13.58 -31.44 23.13
C LEU B 232 -14.76 -31.30 24.08
N LEU B 233 -15.95 -31.49 23.52
CA LEU B 233 -17.19 -31.19 24.19
C LEU B 233 -18.08 -32.42 24.08
N THR B 234 -18.73 -32.76 25.18
CA THR B 234 -19.78 -33.76 25.15
C THR B 234 -21.09 -33.04 25.32
N ILE B 235 -22.10 -33.48 24.58
CA ILE B 235 -23.46 -33.07 24.87
C ILE B 235 -24.31 -34.30 25.19
N ASP B 236 -25.03 -34.23 26.31
CA ASP B 236 -25.95 -35.25 26.77
C ASP B 236 -27.27 -34.54 27.07
N ASN B 237 -28.26 -34.72 26.20
CA ASN B 237 -29.63 -34.21 26.42
C ASN B 237 -29.70 -32.72 26.74
N GLY B 238 -28.88 -31.93 26.06
CA GLY B 238 -28.92 -30.46 26.22
C GLY B 238 -28.00 -29.99 27.33
N VAL B 239 -27.26 -30.92 27.93
CA VAL B 239 -26.28 -30.58 28.93
C VAL B 239 -24.87 -30.66 28.30
N PHE B 240 -24.25 -29.49 28.15
CA PHE B 240 -22.90 -29.39 27.60
C PHE B 240 -21.87 -29.47 28.68
N GLU B 241 -20.78 -30.17 28.37
CA GLU B 241 -19.64 -30.20 29.24
C GLU B 241 -18.31 -30.05 28.48
N VAL B 242 -17.49 -29.10 28.90
CA VAL B 242 -16.18 -28.97 28.31
C VAL B 242 -15.24 -29.92 29.02
N VAL B 243 -14.89 -31.00 28.31
CA VAL B 243 -14.11 -32.13 28.83
C VAL B 243 -12.60 -31.89 28.75
N ALA B 244 -12.13 -31.33 27.64
CA ALA B 244 -10.71 -31.01 27.49
C ALA B 244 -10.49 -29.80 26.58
N THR B 245 -9.47 -29.03 26.87
CA THR B 245 -9.15 -27.92 26.03
C THR B 245 -7.65 -27.87 25.78
N ASN B 246 -7.28 -27.43 24.60
CA ASN B 246 -5.88 -27.33 24.26
C ASN B 246 -5.72 -26.27 23.19
N GLY B 247 -4.53 -26.14 22.61
CA GLY B 247 -4.32 -25.20 21.51
C GLY B 247 -2.95 -24.58 21.52
N ASP B 248 -2.80 -23.52 20.72
CA ASP B 248 -1.62 -22.67 20.68
C ASP B 248 -2.15 -21.26 20.92
N THR B 249 -1.80 -20.69 22.06
CA THR B 249 -2.39 -19.44 22.49
C THR B 249 -1.91 -18.27 21.66
N HIS B 250 -0.86 -18.48 20.85
CA HIS B 250 -0.32 -17.42 20.00
C HIS B 250 -0.19 -17.77 18.52
N LEU B 251 -0.95 -18.77 18.06
CA LEU B 251 -0.94 -19.15 16.65
C LEU B 251 -2.27 -18.71 16.01
N GLY B 252 -2.18 -18.03 14.88
CA GLY B 252 -3.40 -17.59 14.24
C GLY B 252 -3.07 -17.04 12.91
N GLY B 253 -4.07 -16.55 12.19
CA GLY B 253 -3.89 -16.05 10.83
C GLY B 253 -2.79 -15.00 10.64
N GLU B 254 -2.49 -14.25 11.70
CA GLU B 254 -1.51 -13.21 11.68
C GLU B 254 -0.12 -13.82 11.46
N ASP B 255 0.10 -15.01 12.01
CA ASP B 255 1.34 -15.73 11.77
C ASP B 255 1.48 -16.17 10.33
N PHE B 256 0.38 -16.55 9.71
CA PHE B 256 0.44 -17.00 8.32
C PHE B 256 0.75 -15.81 7.40
N ASP B 257 0.25 -14.61 7.73
CA ASP B 257 0.71 -13.39 7.08
C ASP B 257 2.21 -13.21 7.31
N GLN B 258 2.67 -13.41 8.55
CA GLN B 258 4.09 -13.17 8.84
C GLN B 258 5.06 -14.04 7.96
N ARG B 259 4.74 -15.30 7.73
CA ARG B 259 5.56 -16.14 6.83
C ARG B 259 5.65 -15.56 5.44
N VAL B 260 4.52 -15.07 4.94
CA VAL B 260 4.44 -14.55 3.58
C VAL B 260 5.15 -13.19 3.49
N MET B 261 5.08 -12.40 4.57
CA MET B 261 5.78 -11.14 4.66
C MET B 261 7.29 -11.33 4.53
N GLU B 262 7.80 -12.31 5.29
CA GLU B 262 9.22 -12.61 5.30
C GLU B 262 9.70 -13.01 3.94
N HIS B 263 8.93 -13.89 3.29
CA HIS B 263 9.28 -14.31 1.93
C HIS B 263 9.38 -13.11 1.00
N PHE B 264 8.43 -12.17 1.06
CA PHE B 264 8.52 -11.03 0.16
C PHE B 264 9.53 -9.96 0.53
N ILE B 265 9.82 -9.77 1.80
CA ILE B 265 10.83 -8.80 2.15
C ILE B 265 12.15 -9.35 1.59
N LYS B 266 12.45 -10.62 1.87
CA LYS B 266 13.65 -11.30 1.29
C LYS B 266 13.71 -11.19 -0.24
N LEU B 267 12.67 -11.66 -0.91
CA LEU B 267 12.61 -11.67 -2.38
C LEU B 267 12.79 -10.26 -2.96
N TYR B 268 12.18 -9.27 -2.31
CA TYR B 268 12.25 -7.90 -2.81
C TYR B 268 13.69 -7.37 -2.71
N LYS B 269 14.38 -7.72 -1.64
CA LYS B 269 15.76 -7.33 -1.48
C LYS B 269 16.60 -7.84 -2.64
N LYS B 270 16.41 -9.09 -3.04
CA LYS B 270 17.26 -9.70 -4.06
C LYS B 270 16.83 -9.39 -5.48
N LYS B 271 15.57 -9.04 -5.72
CA LYS B 271 15.19 -8.60 -7.08
C LYS B 271 15.59 -7.15 -7.35
N THR B 272 15.65 -6.32 -6.30
CA THR B 272 15.87 -4.87 -6.46
C THR B 272 17.02 -4.29 -5.62
N GLY B 273 17.66 -5.08 -4.78
CA GLY B 273 18.70 -4.61 -3.86
C GLY B 273 18.15 -4.00 -2.58
N LYS B 274 16.91 -3.52 -2.64
CA LYS B 274 16.31 -2.70 -1.58
C LYS B 274 15.84 -3.50 -0.34
N ASP B 275 16.35 -3.18 0.83
CA ASP B 275 15.84 -3.77 2.08
C ASP B 275 14.82 -2.84 2.71
N VAL B 276 13.56 -3.29 2.82
CA VAL B 276 12.47 -2.43 3.33
C VAL B 276 12.09 -2.65 4.79
N ARG B 277 12.76 -3.56 5.47
CA ARG B 277 12.34 -3.99 6.82
C ARG B 277 12.13 -2.88 7.87
N LYS B 278 12.99 -1.88 7.90
CA LYS B 278 12.85 -0.84 8.91
C LYS B 278 11.95 0.31 8.43
N ASP B 279 11.42 0.23 7.20
CA ASP B 279 10.39 1.19 6.80
C ASP B 279 8.98 0.69 7.16
N ASN B 280 8.46 1.16 8.29
CA ASN B 280 7.16 0.69 8.77
C ASN B 280 5.97 1.04 7.84
N ARG B 281 6.07 2.12 7.07
CA ARG B 281 5.02 2.47 6.11
C ARG B 281 4.98 1.41 5.01
N ALA B 282 6.13 1.09 4.44
CA ALA B 282 6.23 0.02 3.47
C ALA B 282 5.80 -1.33 4.09
N VAL B 283 6.32 -1.69 5.24
CA VAL B 283 5.93 -2.95 5.84
C VAL B 283 4.40 -3.04 6.06
N GLN B 284 3.78 -1.97 6.56
CA GLN B 284 2.35 -1.99 6.83
C GLN B 284 1.58 -2.15 5.54
N LYS B 285 2.10 -1.53 4.49
CA LYS B 285 1.49 -1.52 3.18
C LYS B 285 1.52 -2.94 2.58
N LEU B 286 2.69 -3.57 2.67
CA LEU B 286 2.85 -4.95 2.31
C LEU B 286 1.91 -5.88 3.12
N ARG B 287 1.78 -5.61 4.41
CA ARG B 287 0.95 -6.43 5.30
C ARG B 287 -0.50 -6.43 4.89
N ARG B 288 -1.03 -5.25 4.58
CA ARG B 288 -2.40 -5.08 4.09
C ARG B 288 -2.65 -5.87 2.84
N GLU B 289 -1.71 -5.84 1.90
CA GLU B 289 -1.83 -6.59 0.64
C GLU B 289 -1.63 -8.09 0.84
N VAL B 290 -0.72 -8.48 1.74
CA VAL B 290 -0.53 -9.91 2.05
C VAL B 290 -1.84 -10.46 2.63
N GLU B 291 -2.41 -9.74 3.58
CA GLU B 291 -3.67 -10.10 4.22
C GLU B 291 -4.80 -10.25 3.19
N LYS B 292 -5.02 -9.25 2.34
CA LYS B 292 -6.00 -9.34 1.28
C LYS B 292 -5.70 -10.55 0.39
N ALA B 293 -4.44 -10.73 -0.01
CA ALA B 293 -4.02 -11.85 -0.82
C ALA B 293 -4.41 -13.18 -0.18
N LYS B 294 -4.03 -13.34 1.08
CA LYS B 294 -4.34 -14.54 1.82
C LYS B 294 -5.80 -14.88 1.75
N ARG B 295 -6.63 -13.89 2.02
CA ARG B 295 -8.08 -14.10 2.06
C ARG B 295 -8.55 -14.62 0.69
N ALA B 296 -8.01 -14.05 -0.35
CA ALA B 296 -8.38 -14.41 -1.70
C ALA B 296 -7.94 -15.83 -2.00
N LEU B 297 -6.83 -16.27 -1.46
CA LEU B 297 -6.35 -17.64 -1.72
C LEU B 297 -7.13 -18.72 -0.99
N SER B 298 -8.07 -18.34 -0.13
CA SER B 298 -9.03 -19.29 0.40
C SER B 298 -10.10 -19.67 -0.62
N SER B 299 -10.27 -18.87 -1.68
CA SER B 299 -11.23 -19.21 -2.74
C SER B 299 -10.72 -19.02 -4.19
N GLN B 300 -9.42 -18.86 -4.36
CA GLN B 300 -8.79 -18.95 -5.69
C GLN B 300 -7.34 -19.34 -5.53
N HIS B 301 -6.70 -19.66 -6.64
CA HIS B 301 -5.37 -20.29 -6.65
C HIS B 301 -4.21 -19.31 -6.88
N GLN B 302 -4.52 -18.07 -7.20
CA GLN B 302 -3.50 -17.06 -7.29
C GLN B 302 -3.99 -15.70 -6.85
N ALA B 303 -3.13 -14.92 -6.20
CA ALA B 303 -3.50 -13.57 -5.77
C ALA B 303 -2.47 -12.58 -6.22
N ARG B 304 -2.89 -11.47 -6.82
CA ARG B 304 -1.93 -10.39 -7.14
C ARG B 304 -1.72 -9.48 -5.92
N ILE B 305 -0.47 -9.08 -5.73
CA ILE B 305 -0.06 -8.15 -4.68
C ILE B 305 0.66 -7.03 -5.39
N GLU B 306 -0.01 -5.90 -5.49
CA GLU B 306 0.47 -4.76 -6.25
C GLU B 306 0.35 -3.54 -5.35
N ILE B 307 1.50 -2.92 -5.07
CA ILE B 307 1.59 -1.67 -4.35
C ILE B 307 2.35 -0.69 -5.22
N GLU B 308 1.72 0.44 -5.56
CA GLU B 308 2.40 1.52 -6.24
C GLU B 308 3.18 2.40 -5.20
N SER B 309 4.32 2.94 -5.64
CA SER B 309 5.32 3.60 -4.76
C SER B 309 5.51 2.92 -3.42
N PHE B 310 5.94 1.68 -3.46
CA PHE B 310 6.14 0.89 -2.27
C PHE B 310 7.29 1.44 -1.43
N TYR B 311 8.42 1.72 -2.07
CA TYR B 311 9.65 2.07 -1.37
C TYR B 311 10.52 2.88 -2.31
N GLU B 312 10.84 4.10 -1.86
CA GLU B 312 11.66 5.04 -2.60
C GLU B 312 11.20 5.17 -4.02
N GLY B 313 9.89 5.15 -4.23
CA GLY B 313 9.30 5.33 -5.52
C GLY B 313 9.18 4.10 -6.38
N GLU B 314 9.84 3.02 -5.97
CA GLU B 314 9.79 1.79 -6.68
C GLU B 314 8.50 1.06 -6.30
N ASP B 315 7.88 0.46 -7.29
CA ASP B 315 6.64 -0.31 -7.19
C ASP B 315 6.91 -1.77 -6.76
N PHE B 316 5.85 -2.44 -6.36
CA PHE B 316 5.90 -3.84 -5.97
C PHE B 316 4.84 -4.58 -6.75
N SER B 317 5.23 -5.72 -7.32
CA SER B 317 4.30 -6.58 -8.09
C SER B 317 4.80 -8.02 -8.07
N GLU B 318 3.96 -8.90 -7.53
CA GLU B 318 4.26 -10.32 -7.38
C GLU B 318 2.93 -11.09 -7.30
N THR B 319 2.97 -12.30 -7.78
CA THR B 319 1.84 -13.18 -7.68
C THR B 319 2.14 -14.19 -6.56
N LEU B 320 1.22 -14.32 -5.61
CA LEU B 320 1.28 -15.39 -4.64
C LEU B 320 0.29 -16.48 -5.05
N THR B 321 0.83 -17.68 -5.29
CA THR B 321 0.03 -18.86 -5.55
C THR B 321 -0.44 -19.53 -4.24
N ARG B 322 -1.53 -20.27 -4.30
CA ARG B 322 -1.96 -20.99 -3.13
C ARG B 322 -0.90 -22.00 -2.65
N ALA B 323 -0.27 -22.68 -3.62
CA ALA B 323 0.77 -23.67 -3.33
C ALA B 323 1.90 -22.99 -2.60
N LYS B 324 2.34 -21.83 -3.10
CA LYS B 324 3.42 -21.10 -2.43
C LYS B 324 2.97 -20.68 -1.03
N PHE B 325 1.74 -20.20 -0.89
CA PHE B 325 1.18 -19.90 0.44
C PHE B 325 1.20 -21.12 1.41
N GLU B 326 0.89 -22.30 0.91
CA GLU B 326 0.86 -23.50 1.74
C GLU B 326 2.28 -23.93 2.13
N GLU B 327 3.18 -23.91 1.15
CA GLU B 327 4.59 -24.18 1.40
C GLU B 327 5.25 -23.32 2.51
N LEU B 328 5.05 -22.01 2.44
CA LEU B 328 5.58 -21.07 3.42
C LEU B 328 5.06 -21.32 4.81
N ASN B 329 3.86 -21.89 4.92
CA ASN B 329 3.19 -22.14 6.19
C ASN B 329 3.06 -23.62 6.54
N MET B 330 3.73 -24.47 5.78
CA MET B 330 3.53 -25.91 5.86
C MET B 330 3.61 -26.42 7.32
N ASP B 331 4.65 -26.00 7.99
CA ASP B 331 4.94 -26.50 9.31
C ASP B 331 3.94 -25.95 10.29
N LEU B 332 3.52 -24.69 10.06
CA LEU B 332 2.54 -24.07 10.91
C LEU B 332 1.20 -24.78 10.79
N PHE B 333 0.78 -25.11 9.56
CA PHE B 333 -0.49 -25.78 9.37
C PHE B 333 -0.54 -27.17 9.99
N ARG B 334 0.50 -27.96 9.74
CA ARG B 334 0.56 -29.30 10.33
C ARG B 334 0.61 -29.28 11.85
N SER B 335 1.17 -28.23 12.43
CA SER B 335 1.28 -28.20 13.89
C SER B 335 -0.07 -27.95 14.55
N THR B 336 -1.10 -27.67 13.77
CA THR B 336 -2.43 -27.48 14.33
C THR B 336 -3.06 -28.83 14.67
N MET B 337 -2.50 -29.93 14.18
CA MET B 337 -2.94 -31.28 14.54
C MET B 337 -2.47 -31.77 15.91
N LYS B 338 -1.42 -31.22 16.49
CA LYS B 338 -0.91 -31.77 17.73
C LYS B 338 -1.88 -31.53 18.87
N PRO B 339 -2.49 -30.32 18.93
CA PRO B 339 -3.43 -30.16 20.05
C PRO B 339 -4.74 -30.95 19.87
N VAL B 340 -5.10 -31.21 18.61
CA VAL B 340 -6.27 -32.01 18.30
C VAL B 340 -5.97 -33.40 18.83
N GLN B 341 -4.75 -33.89 18.63
CA GLN B 341 -4.41 -35.20 19.20
C GLN B 341 -4.42 -35.16 20.75
N LYS B 342 -3.91 -34.07 21.35
CA LYS B 342 -3.86 -33.96 22.83
C LYS B 342 -5.24 -33.98 23.46
N VAL B 343 -6.21 -33.27 22.90
CA VAL B 343 -7.54 -33.31 23.50
C VAL B 343 -8.07 -34.70 23.38
N LEU B 344 -7.70 -35.43 22.33
CA LEU B 344 -8.15 -36.81 22.23
C LEU B 344 -7.50 -37.64 23.34
N GLU B 345 -6.18 -37.59 23.45
CA GLU B 345 -5.49 -38.30 24.55
C GLU B 345 -6.10 -37.94 25.90
N ASP B 346 -6.06 -36.64 26.23
CA ASP B 346 -6.52 -36.13 27.52
C ASP B 346 -7.95 -36.43 27.83
N SER B 347 -8.81 -36.49 26.82
CA SER B 347 -10.23 -36.80 27.06
C SER B 347 -10.52 -38.30 26.91
N ASP B 348 -9.45 -39.08 26.72
CA ASP B 348 -9.51 -40.54 26.61
C ASP B 348 -10.49 -41.03 25.54
N LEU B 349 -10.41 -40.39 24.37
CA LEU B 349 -11.21 -40.80 23.22
C LEU B 349 -10.28 -41.08 22.03
N LYS B 350 -10.76 -41.90 21.11
CA LYS B 350 -10.11 -42.14 19.82
C LYS B 350 -10.74 -41.19 18.82
N LYS B 351 -10.04 -40.89 17.73
CA LYS B 351 -10.65 -40.05 16.71
C LYS B 351 -11.99 -40.56 16.18
N SER B 352 -12.26 -41.86 16.36
CA SER B 352 -13.52 -42.49 15.91
C SER B 352 -14.70 -42.16 16.85
N ASP B 353 -14.37 -41.77 18.07
CA ASP B 353 -15.38 -41.36 19.04
C ASP B 353 -15.93 -39.92 18.76
N ILE B 354 -15.36 -39.21 17.78
CA ILE B 354 -15.83 -37.88 17.45
C ILE B 354 -16.97 -37.94 16.47
N ASP B 355 -18.11 -37.41 16.92
CA ASP B 355 -19.35 -37.44 16.18
C ASP B 355 -19.49 -36.18 15.33
N GLU B 356 -18.98 -35.05 15.84
CA GLU B 356 -19.09 -33.77 15.10
C GLU B 356 -17.79 -32.95 15.14
N ILE B 357 -17.39 -32.46 13.99
CA ILE B 357 -16.24 -31.57 13.89
C ILE B 357 -16.78 -30.19 13.53
N VAL B 358 -16.54 -29.23 14.40
CA VAL B 358 -16.93 -27.85 14.14
C VAL B 358 -15.66 -27.00 14.00
N LEU B 359 -15.54 -26.34 12.87
CA LEU B 359 -14.42 -25.46 12.55
C LEU B 359 -14.93 -24.04 12.54
N VAL B 360 -14.38 -23.18 13.37
CA VAL B 360 -14.84 -21.78 13.42
C VAL B 360 -13.63 -20.86 13.57
N GLY B 361 -13.78 -19.58 13.35
CA GLY B 361 -12.67 -18.66 13.28
C GLY B 361 -12.38 -18.40 11.81
N GLY B 362 -11.95 -17.19 11.49
CA GLY B 362 -11.76 -16.80 10.10
C GLY B 362 -10.74 -17.60 9.34
N SER B 363 -9.72 -18.10 10.03
CA SER B 363 -8.64 -18.83 9.38
C SER B 363 -9.04 -20.24 8.98
N THR B 364 -10.15 -20.75 9.51
CA THR B 364 -10.57 -22.07 9.12
C THR B 364 -11.15 -22.04 7.72
N ARG B 365 -11.31 -20.86 7.16
CA ARG B 365 -11.62 -20.73 5.74
C ARG B 365 -10.50 -21.25 4.86
N ILE B 366 -9.27 -21.37 5.40
CA ILE B 366 -8.11 -21.86 4.64
C ILE B 366 -8.23 -23.36 4.20
N PRO B 367 -8.09 -23.61 2.89
CA PRO B 367 -8.42 -24.95 2.41
C PRO B 367 -7.54 -26.06 2.97
N LYS B 368 -6.23 -25.83 3.03
CA LYS B 368 -5.28 -26.74 3.66
C LYS B 368 -5.59 -27.06 5.15
N ILE B 369 -6.17 -26.11 5.87
CA ILE B 369 -6.55 -26.32 7.26
C ILE B 369 -7.74 -27.30 7.21
N GLN B 370 -8.76 -26.97 6.43
CA GLN B 370 -9.86 -27.94 6.21
C GLN B 370 -9.36 -29.33 5.79
N GLN B 371 -8.36 -29.38 4.93
CA GLN B 371 -7.92 -30.62 4.34
C GLN B 371 -7.20 -31.42 5.39
N LEU B 372 -6.42 -30.76 6.24
CA LEU B 372 -5.66 -31.44 7.29
C LEU B 372 -6.57 -32.01 8.38
N VAL B 373 -7.56 -31.24 8.79
CA VAL B 373 -8.51 -31.70 9.81
C VAL B 373 -9.30 -32.90 9.28
N LYS B 374 -9.78 -32.79 8.05
CA LYS B 374 -10.51 -33.85 7.40
C LYS B 374 -9.64 -35.15 7.28
N GLU B 375 -8.40 -35.00 6.85
CA GLU B 375 -7.52 -36.17 6.73
C GLU B 375 -7.21 -36.75 8.11
N PHE B 376 -7.06 -35.89 9.12
CA PHE B 376 -6.79 -36.36 10.46
C PHE B 376 -7.91 -37.27 10.95
N PHE B 377 -9.15 -36.98 10.54
CA PHE B 377 -10.32 -37.81 10.89
C PHE B 377 -10.74 -38.75 9.76
N ASN B 378 -9.74 -39.30 9.07
CA ASN B 378 -9.97 -40.29 8.01
C ASN B 378 -11.17 -39.97 7.11
N GLY B 379 -11.27 -38.73 6.61
CA GLY B 379 -12.27 -38.38 5.62
C GLY B 379 -13.55 -37.75 6.16
N LYS B 380 -13.69 -37.64 7.48
CA LYS B 380 -14.97 -37.14 8.03
C LYS B 380 -15.18 -35.66 7.71
N GLU B 381 -16.35 -35.32 7.22
CA GLU B 381 -16.67 -33.98 6.77
C GLU B 381 -16.96 -33.12 8.01
N PRO B 382 -16.52 -31.86 8.02
CA PRO B 382 -16.93 -30.99 9.13
C PRO B 382 -18.36 -30.50 8.95
N SER B 383 -18.92 -29.89 9.98
CA SER B 383 -20.24 -29.24 9.89
C SER B 383 -20.11 -28.05 8.96
N ARG B 384 -21.21 -27.60 8.33
CA ARG B 384 -21.15 -26.67 7.17
C ARG B 384 -22.09 -25.46 7.09
N GLY B 385 -23.27 -25.52 7.66
CA GLY B 385 -24.22 -24.40 7.43
C GLY B 385 -23.88 -22.95 7.86
N ILE B 386 -22.84 -22.72 8.68
CA ILE B 386 -22.67 -21.40 9.31
C ILE B 386 -21.36 -20.69 8.99
N ASN B 387 -21.49 -19.39 8.83
CA ASN B 387 -20.36 -18.55 8.53
C ASN B 387 -19.33 -18.54 9.68
N PRO B 388 -18.16 -19.16 9.46
CA PRO B 388 -17.18 -19.46 10.51
C PRO B 388 -16.69 -18.28 11.39
N ASP B 389 -16.75 -17.06 10.92
CA ASP B 389 -16.35 -15.94 11.80
C ASP B 389 -17.55 -15.31 12.46
N GLU B 390 -18.72 -15.85 12.15
CA GLU B 390 -19.97 -15.39 12.75
C GLU B 390 -20.61 -16.43 13.67
N ALA B 391 -20.13 -17.66 13.61
CA ALA B 391 -20.68 -18.80 14.40
C ALA B 391 -20.72 -18.54 15.91
N VAL B 392 -19.67 -17.93 16.45
CA VAL B 392 -19.66 -17.72 17.90
C VAL B 392 -20.78 -16.74 18.30
N ALA B 393 -20.92 -15.65 17.54
CA ALA B 393 -21.99 -14.67 17.68
C ALA B 393 -23.35 -15.29 17.50
N TYR B 394 -23.45 -16.20 16.52
CA TYR B 394 -24.73 -16.82 16.15
C TYR B 394 -25.25 -17.62 17.31
N GLY B 395 -24.36 -18.44 17.89
CA GLY B 395 -24.68 -19.21 19.07
C GLY B 395 -25.01 -18.34 20.27
N ALA B 396 -24.26 -17.28 20.46
CA ALA B 396 -24.57 -16.34 21.55
C ALA B 396 -25.96 -15.77 21.30
N ALA B 397 -26.21 -15.35 20.05
CA ALA B 397 -27.50 -14.78 19.67
C ALA B 397 -28.67 -15.74 19.93
N VAL B 398 -28.45 -17.04 19.74
CA VAL B 398 -29.49 -18.04 19.97
C VAL B 398 -29.83 -18.12 21.47
N GLN B 399 -28.82 -18.17 22.33
CA GLN B 399 -29.03 -18.11 23.77
C GLN B 399 -29.72 -16.78 24.17
N ALA B 400 -29.28 -15.67 23.56
CA ALA B 400 -29.99 -14.39 23.74
C ALA B 400 -31.49 -14.51 23.51
N GLY B 401 -31.89 -15.24 22.46
CA GLY B 401 -33.32 -15.50 22.20
C GLY B 401 -34.05 -16.31 23.27
N VAL B 402 -33.47 -17.42 23.74
CA VAL B 402 -34.09 -18.21 24.79
C VAL B 402 -34.29 -17.39 26.10
N LEU B 403 -33.37 -16.47 26.38
CA LEU B 403 -33.53 -15.58 27.56
C LEU B 403 -34.60 -14.49 27.40
N SER B 404 -34.84 -14.05 26.16
CA SER B 404 -35.85 -13.03 25.84
C SER B 404 -37.25 -13.58 25.54
N GLY B 405 -37.36 -14.91 25.54
CA GLY B 405 -38.62 -15.60 25.38
C GLY B 405 -38.89 -16.09 23.99
N ASP B 406 -37.86 -16.28 23.16
CA ASP B 406 -38.05 -16.89 21.83
C ASP B 406 -36.82 -17.65 21.32
PB ADP C . 11.02 13.90 -17.26
O1B ADP C . 12.40 14.32 -16.79
O2B ADP C . 10.93 13.32 -18.68
O3B ADP C . 10.24 13.07 -16.28
PA ADP C . 10.38 16.68 -16.61
O1A ADP C . 11.87 16.90 -16.43
O2A ADP C . 9.60 17.76 -17.34
O3A ADP C . 10.21 15.31 -17.40
O5' ADP C . 9.69 16.54 -15.19
C5' ADP C . 8.33 16.07 -15.16
C4' ADP C . 7.75 16.20 -13.75
O4' ADP C . 7.86 17.56 -13.38
C3' ADP C . 6.27 15.85 -13.62
O3' ADP C . 6.05 14.95 -12.55
C2' ADP C . 5.60 17.15 -13.27
O2' ADP C . 4.46 17.03 -12.44
C1' ADP C . 6.72 17.89 -12.60
N9 ADP C . 6.40 19.30 -12.65
C8 ADP C . 6.25 20.08 -13.75
N7 ADP C . 5.89 21.36 -13.41
C5 ADP C . 5.83 21.36 -12.05
C6 ADP C . 5.53 22.33 -11.01
N6 ADP C . 5.19 23.58 -11.39
N1 ADP C . 5.55 21.93 -9.71
C2 ADP C . 5.83 20.68 -9.33
N3 ADP C . 6.13 19.73 -10.25
C4 ADP C . 6.15 20.02 -11.56
CA CA D . 7.71 5.89 -8.90
CA CA E . 13.78 16.06 -17.46
PB ADP F . -10.46 -13.49 16.24
O1B ADP F . -10.85 -14.83 16.79
O2B ADP F . -10.82 -12.30 17.10
O3B ADP F . -9.01 -13.46 15.87
PA ADP F . -11.72 -14.07 13.69
O1A ADP F . -12.35 -15.28 14.31
O2A ADP F . -12.52 -13.23 12.77
O3A ADP F . -11.28 -13.14 14.91
O5' ADP F . -10.45 -14.58 12.83
C5' ADP F . -9.55 -13.63 12.28
C4' ADP F . -8.57 -14.22 11.26
O4' ADP F . -9.28 -14.86 10.22
C3' ADP F . -7.70 -13.22 10.53
O3' ADP F . -6.35 -13.60 10.63
C2' ADP F . -8.07 -13.31 9.05
O2' ADP F . -6.94 -13.02 8.17
C1' ADP F . -8.60 -14.72 8.98
N9 ADP F . -9.44 -14.82 7.78
C8 ADP F . -10.59 -14.15 7.53
N7 ADP F . -11.08 -14.41 6.29
C5 ADP F . -10.23 -15.27 5.74
C6 ADP F . -10.14 -15.95 4.46
N6 ADP F . -11.09 -15.76 3.53
N1 ADP F . -9.06 -16.76 4.27
C2 ADP F . -8.11 -16.97 5.20
N3 ADP F . -8.17 -16.37 6.38
C4 ADP F . -9.15 -15.52 6.71
CA CA G . 1.55 -15.25 16.64
CA CA H . -12.92 -15.71 16.49
#